data_6PGL
#
_entry.id   6PGL
#
_cell.length_a   69.957
_cell.length_b   110.344
_cell.length_c   114.697
_cell.angle_alpha   90.00
_cell.angle_beta   90.00
_cell.angle_gamma   90.00
#
_symmetry.space_group_name_H-M   'P 21 21 21'
#
loop_
_entity.id
_entity.type
_entity.pdbx_description
1 polymer 'Uncharacterized protein YLR132C'
2 non-polymer GLYCEROL
3 non-polymer "URIDINE-5'-MONOPHOSPHATE"
4 non-polymer 'TRIETHYLENE GLYCOL'
5 non-polymer 1,2-ETHANEDIOL
6 non-polymer 1-(2-METHOXY-ETHOXY)-2-{2-[2-(2-METHOXY-ETHOXY]-ETHOXY}-ETHANE
7 non-polymer 'TETRAETHYLENE GLYCOL'
8 water water
#
_entity_poly.entity_id   1
_entity_poly.type   'polypeptide(L)'
_entity_poly.pdbx_seq_one_letter_code
;MVAPVSKNIGFLFLELRLDSKQQQIMDLVLKGVNAVMDTHHRNSFEPLHRGKFGAMKPLHVSLSETMMFANESELEEKMG
RIRQEIRALECKSVPVALSGGWLVYENFDASLQFLAVGLSEPARGRLKPVLSIVEKYKPRSPVSRQPVGLNNLHVSFGVA
QNAYLQQDESVSRQRLDSLRNLVATEASDRLPLLRANLQFRCHELKAKVGTSVITLPL
;
_entity_poly.pdbx_strand_id   A,B,C
#
loop_
_chem_comp.id
_chem_comp.type
_chem_comp.name
_chem_comp.formula
EDO non-polymer 1,2-ETHANEDIOL 'C2 H6 O2'
GOL non-polymer GLYCEROL 'C3 H8 O3'
PG4 non-polymer 'TETRAETHYLENE GLYCOL' 'C8 H18 O5'
PG6 non-polymer 1-(2-METHOXY-ETHOXY)-2-{2-[2-(2-METHOXY-ETHOXY]-ETHOXY}-ETHANE 'C12 H26 O6'
PGE non-polymer 'TRIETHYLENE GLYCOL' 'C6 H14 O4'
U5P non-polymer URIDINE-5'-MONOPHOSPHATE 'C9 H13 N2 O9 P'
#
# COMPACT_ATOMS: atom_id res chain seq x y z
N MET A 1 -10.03 -13.72 -13.02
CA MET A 1 -8.98 -14.72 -12.93
C MET A 1 -7.87 -14.23 -12.03
N VAL A 2 -6.86 -15.10 -11.83
CA VAL A 2 -5.68 -14.77 -11.05
C VAL A 2 -4.63 -14.19 -11.99
N ALA A 3 -4.03 -13.07 -11.58
CA ALA A 3 -2.97 -12.40 -12.34
C ALA A 3 -3.29 -12.20 -13.83
N PRO A 4 -4.48 -11.67 -14.15
CA PRO A 4 -4.83 -11.54 -15.58
C PRO A 4 -3.92 -10.56 -16.32
N VAL A 5 -3.36 -9.57 -15.62
CA VAL A 5 -2.50 -8.56 -16.25
C VAL A 5 -1.08 -9.07 -16.39
N SER A 6 -0.57 -9.76 -15.37
CA SER A 6 0.85 -10.08 -15.31
C SER A 6 1.20 -11.38 -16.01
N LYS A 7 0.23 -12.17 -16.47
CA LYS A 7 0.50 -13.49 -17.03
C LYS A 7 1.34 -13.39 -18.31
N ASN A 8 1.08 -12.39 -19.15
CA ASN A 8 1.79 -12.23 -20.41
C ASN A 8 2.93 -11.22 -20.33
N ILE A 9 3.36 -10.83 -19.13
CA ILE A 9 4.25 -9.67 -18.96
C ILE A 9 5.65 -10.13 -18.58
N GLY A 10 6.64 -9.55 -19.24
CA GLY A 10 8.03 -9.79 -18.89
C GLY A 10 8.72 -8.46 -18.65
N PHE A 11 9.78 -8.51 -17.85
CA PHE A 11 10.51 -7.29 -17.49
C PHE A 11 11.93 -7.72 -17.14
N LEU A 12 12.94 -7.05 -17.68
CA LEU A 12 14.34 -7.43 -17.47
C LEU A 12 15.01 -6.42 -16.53
N PHE A 13 15.90 -6.91 -15.67
CA PHE A 13 16.55 -6.00 -14.74
C PHE A 13 17.85 -6.60 -14.21
N LEU A 14 18.67 -5.73 -13.61
CA LEU A 14 19.82 -6.17 -12.83
C LEU A 14 19.45 -6.14 -11.36
N GLU A 15 19.85 -7.16 -10.62
CA GLU A 15 19.61 -7.19 -9.19
C GLU A 15 20.87 -6.77 -8.44
N LEU A 16 20.74 -5.82 -7.52
CA LEU A 16 21.88 -5.28 -6.80
C LEU A 16 21.73 -5.64 -5.33
N ARG A 17 22.47 -6.64 -4.88
CA ARG A 17 22.42 -7.08 -3.49
C ARG A 17 23.46 -6.31 -2.69
N LEU A 18 23.01 -5.56 -1.69
CA LEU A 18 23.90 -4.70 -0.94
C LEU A 18 24.58 -5.52 0.14
N ASP A 19 25.89 -5.36 0.29
CA ASP A 19 26.57 -5.97 1.41
C ASP A 19 26.33 -5.10 2.65
N SER A 20 26.82 -5.55 3.81
CA SER A 20 26.51 -4.83 5.04
C SER A 20 27.05 -3.40 5.01
N LYS A 21 28.22 -3.18 4.41
CA LYS A 21 28.76 -1.83 4.35
C LYS A 21 27.93 -0.93 3.44
N GLN A 22 27.53 -1.43 2.26
CA GLN A 22 26.68 -0.65 1.36
C GLN A 22 25.34 -0.32 2.00
N GLN A 23 24.80 -1.27 2.79
CA GLN A 23 23.57 -1.04 3.53
C GLN A 23 23.71 0.08 4.53
N GLN A 24 24.81 0.06 5.30
CA GLN A 24 25.03 1.12 6.29
C GLN A 24 25.24 2.46 5.62
N ILE A 25 25.89 2.47 4.46
CA ILE A 25 26.08 3.73 3.74
C ILE A 25 24.75 4.29 3.29
N MET A 26 23.88 3.42 2.75
CA MET A 26 22.56 3.88 2.33
C MET A 26 21.70 4.28 3.51
N ASP A 27 21.83 3.61 4.66
CA ASP A 27 21.13 4.07 5.86
C ASP A 27 21.49 5.52 6.16
N LEU A 28 22.79 5.82 6.12
CA LEU A 28 23.32 7.13 6.46
C LEU A 28 22.91 8.18 5.42
N VAL A 29 23.00 7.83 4.14
CA VAL A 29 22.67 8.80 3.10
C VAL A 29 21.20 9.20 3.21
N LEU A 30 20.31 8.21 3.33
CA LEU A 30 18.88 8.51 3.32
C LEU A 30 18.45 9.21 4.61
N LYS A 31 19.08 8.87 5.73
CA LYS A 31 18.80 9.59 6.97
C LYS A 31 19.10 11.09 6.82
N GLY A 32 20.22 11.41 6.14
CA GLY A 32 20.55 12.81 5.92
C GLY A 32 19.59 13.50 4.96
N VAL A 33 19.16 12.80 3.91
CA VAL A 33 18.18 13.37 2.98
C VAL A 33 16.86 13.63 3.70
N ASN A 34 16.41 12.66 4.50
CA ASN A 34 15.14 12.76 5.18
C ASN A 34 15.15 13.77 6.30
N ALA A 35 16.31 14.03 6.92
CA ALA A 35 16.43 15.16 7.82
C ALA A 35 16.18 16.47 7.09
N VAL A 36 16.67 16.59 5.86
CA VAL A 36 16.40 17.80 5.08
C VAL A 36 14.93 17.87 4.69
N MET A 37 14.32 16.73 4.36
CA MET A 37 12.89 16.75 4.05
C MET A 37 12.09 17.21 5.25
N ASP A 38 12.44 16.73 6.45
CA ASP A 38 11.78 17.17 7.68
C ASP A 38 11.90 18.68 7.86
N THR A 39 13.12 19.20 7.73
CA THR A 39 13.37 20.64 7.86
C THR A 39 12.45 21.45 6.93
N HIS A 40 12.21 20.95 5.72
CA HIS A 40 11.45 21.67 4.70
C HIS A 40 10.01 21.20 4.58
N HIS A 41 9.53 20.39 5.52
CA HIS A 41 8.12 19.95 5.58
C HIS A 41 7.72 19.21 4.30
N ARG A 42 8.62 18.39 3.77
CA ARG A 42 8.35 17.50 2.67
C ARG A 42 8.21 16.07 3.16
N ASN A 43 7.62 15.24 2.31
CA ASN A 43 7.56 13.80 2.56
C ASN A 43 8.96 13.19 2.55
N SER A 44 9.13 12.17 3.39
CA SER A 44 10.39 11.45 3.50
C SER A 44 10.47 10.38 2.42
N PHE A 45 11.70 10.03 2.03
CA PHE A 45 11.90 8.95 1.07
C PHE A 45 12.08 7.66 1.87
N GLU A 46 11.19 6.69 1.63
CA GLU A 46 11.37 5.38 2.25
C GLU A 46 12.56 4.68 1.61
N PRO A 47 13.52 4.22 2.40
CA PRO A 47 14.67 3.51 1.82
C PRO A 47 14.26 2.24 1.11
N LEU A 48 14.75 2.08 -0.13
CA LEU A 48 14.38 0.91 -0.92
C LEU A 48 15.22 -0.32 -0.62
N HIS A 49 16.33 -0.18 0.11
CA HIS A 49 17.20 -1.32 0.39
C HIS A 49 16.86 -2.03 1.69
N ARG A 50 15.81 -1.62 2.40
CA ARG A 50 15.41 -2.29 3.63
C ARG A 50 13.92 -2.55 3.60
N GLY A 51 13.54 -3.76 4.03
CA GLY A 51 12.17 -4.16 4.15
C GLY A 51 11.72 -4.24 5.60
N LYS A 52 10.68 -5.03 5.83
CA LYS A 52 10.20 -5.25 7.19
C LYS A 52 11.29 -5.92 8.00
N PHE A 53 11.36 -5.56 9.29
CA PHE A 53 12.39 -6.03 10.21
C PHE A 53 13.79 -5.59 9.77
N GLY A 54 13.88 -4.54 8.97
CA GLY A 54 15.18 -4.11 8.49
C GLY A 54 15.86 -5.07 7.54
N ALA A 55 15.15 -6.12 7.10
CA ALA A 55 15.72 -7.09 6.17
C ALA A 55 16.21 -6.40 4.92
N MET A 56 17.41 -6.77 4.47
CA MET A 56 17.97 -6.21 3.25
C MET A 56 17.08 -6.53 2.05
N LYS A 57 16.85 -5.53 1.22
CA LYS A 57 16.13 -5.74 -0.03
C LYS A 57 17.03 -5.30 -1.17
N PRO A 58 17.19 -6.08 -2.23
CA PRO A 58 18.07 -5.64 -3.31
C PRO A 58 17.50 -4.43 -4.04
N LEU A 59 18.40 -3.59 -4.56
CA LEU A 59 18.04 -2.56 -5.51
C LEU A 59 18.08 -3.15 -6.93
N HIS A 60 17.78 -2.32 -7.94
CA HIS A 60 17.77 -2.84 -9.30
C HIS A 60 18.11 -1.76 -10.31
N VAL A 61 18.58 -2.19 -11.47
CA VAL A 61 18.61 -1.39 -12.69
C VAL A 61 17.55 -1.98 -13.61
N SER A 62 16.50 -1.21 -13.90
CA SER A 62 15.55 -1.64 -14.93
C SER A 62 16.24 -1.64 -16.28
N LEU A 63 16.00 -2.70 -17.07
CA LEU A 63 16.58 -2.80 -18.39
C LEU A 63 15.54 -2.86 -19.51
N SER A 64 14.26 -2.91 -19.18
CA SER A 64 13.21 -2.92 -20.18
C SER A 64 12.00 -2.26 -19.56
N GLU A 65 11.14 -1.75 -20.43
CA GLU A 65 9.77 -1.42 -20.07
C GLU A 65 9.01 -2.70 -19.68
N THR A 66 7.80 -2.50 -19.17
CA THR A 66 6.86 -3.61 -19.04
C THR A 66 6.49 -4.11 -20.42
N MET A 67 6.83 -5.38 -20.72
CA MET A 67 6.64 -5.99 -22.03
C MET A 67 5.48 -6.98 -22.00
N MET A 68 4.40 -6.66 -22.71
CA MET A 68 3.21 -7.53 -22.75
C MET A 68 3.17 -8.32 -24.05
N PHE A 69 3.41 -9.63 -23.94
CA PHE A 69 3.45 -10.53 -25.08
C PHE A 69 2.04 -11.02 -25.38
N ALA A 70 1.90 -11.73 -26.52
CA ALA A 70 0.58 -12.14 -26.98
C ALA A 70 -0.05 -13.17 -26.06
N ASN A 71 0.75 -14.08 -25.52
CA ASN A 71 0.26 -15.07 -24.57
C ASN A 71 1.45 -15.48 -23.71
N GLU A 72 1.18 -16.35 -22.74
CA GLU A 72 2.23 -16.77 -21.82
C GLU A 72 3.33 -17.57 -22.50
N SER A 73 3.00 -18.38 -23.49
CA SER A 73 4.03 -19.17 -24.16
C SER A 73 4.95 -18.28 -24.99
N GLU A 74 4.39 -17.22 -25.61
CA GLU A 74 5.25 -16.30 -26.35
C GLU A 74 6.19 -15.58 -25.40
N LEU A 75 5.69 -15.17 -24.23
CA LEU A 75 6.52 -14.55 -23.23
C LEU A 75 7.68 -15.47 -22.84
N GLU A 76 7.38 -16.75 -22.58
CA GLU A 76 8.42 -17.67 -22.14
C GLU A 76 9.41 -17.98 -23.26
N GLU A 77 8.93 -18.11 -24.50
CA GLU A 77 9.87 -18.33 -25.59
C GLU A 77 10.76 -17.11 -25.80
N LYS A 78 10.20 -15.91 -25.80
CA LYS A 78 11.03 -14.73 -26.05
C LYS A 78 12.02 -14.52 -24.91
N MET A 79 11.58 -14.71 -23.67
CA MET A 79 12.53 -14.57 -22.55
C MET A 79 13.64 -15.60 -22.66
N GLY A 80 13.30 -16.81 -23.11
CA GLY A 80 14.34 -17.82 -23.31
C GLY A 80 15.31 -17.44 -24.42
N ARG A 81 14.80 -16.84 -25.51
CA ARG A 81 15.70 -16.36 -26.56
C ARG A 81 16.56 -15.20 -26.07
N ILE A 82 16.02 -14.33 -25.22
CA ILE A 82 16.84 -13.27 -24.63
C ILE A 82 17.91 -13.90 -23.73
N ARG A 83 17.54 -14.93 -22.96
CA ARG A 83 18.50 -15.62 -22.11
C ARG A 83 19.65 -16.18 -22.93
N GLN A 84 19.34 -16.85 -24.06
CA GLN A 84 20.38 -17.44 -24.90
C GLN A 84 21.23 -16.37 -25.57
N GLU A 85 20.59 -15.32 -26.12
CA GLU A 85 21.35 -14.28 -26.82
C GLU A 85 22.28 -13.54 -25.85
N ILE A 86 21.86 -13.37 -24.60
CA ILE A 86 22.70 -12.70 -23.62
C ILE A 86 23.86 -13.62 -23.20
N ARG A 87 23.59 -14.91 -23.03
CA ARG A 87 24.67 -15.88 -22.80
C ARG A 87 25.71 -15.82 -23.91
N ALA A 88 25.25 -15.67 -25.16
CA ALA A 88 26.10 -15.66 -26.35
C ALA A 88 26.98 -14.43 -26.44
N LEU A 89 26.81 -13.44 -25.57
CA LEU A 89 27.70 -12.30 -25.58
C LEU A 89 29.03 -12.68 -24.92
N GLU A 90 30.08 -11.94 -25.28
CA GLU A 90 31.34 -12.20 -24.59
C GLU A 90 31.26 -11.82 -23.11
N CYS A 91 30.22 -11.07 -22.71
CA CYS A 91 30.02 -10.60 -21.34
C CYS A 91 30.15 -11.70 -20.30
N LYS A 92 31.16 -11.63 -19.46
CA LYS A 92 31.19 -12.51 -18.30
C LYS A 92 30.46 -11.85 -17.14
N SER A 93 30.40 -10.52 -17.14
CA SER A 93 29.83 -9.73 -16.06
C SER A 93 29.58 -8.33 -16.61
N VAL A 94 28.73 -7.57 -15.94
CA VAL A 94 28.49 -6.18 -16.26
C VAL A 94 28.74 -5.35 -15.00
N PRO A 95 29.45 -4.26 -15.11
CA PRO A 95 29.65 -3.37 -13.97
C PRO A 95 28.51 -2.39 -13.83
N VAL A 96 28.24 -2.04 -12.58
CA VAL A 96 27.22 -1.04 -12.27
C VAL A 96 27.88 -0.01 -11.36
N ALA A 97 27.94 1.23 -11.82
CA ALA A 97 28.37 2.35 -11.02
C ALA A 97 27.53 3.55 -11.43
N LEU A 98 27.51 4.57 -10.59
CA LEU A 98 26.63 5.72 -10.73
C LEU A 98 27.44 6.99 -10.89
N SER A 99 26.85 8.02 -11.48
CA SER A 99 27.52 9.30 -11.57
C SER A 99 26.49 10.40 -11.64
N GLY A 100 26.93 11.60 -11.28
CA GLY A 100 26.07 12.74 -11.25
C GLY A 100 25.39 12.87 -9.90
N GLY A 101 24.34 13.69 -9.90
CA GLY A 101 23.63 14.03 -8.69
C GLY A 101 22.32 13.29 -8.57
N TRP A 102 21.54 13.73 -7.59
CA TRP A 102 20.21 13.19 -7.34
C TRP A 102 19.26 13.51 -8.49
N LEU A 103 18.49 12.51 -8.89
CA LEU A 103 17.37 12.66 -9.81
C LEU A 103 16.12 12.23 -9.07
N VAL A 104 14.97 12.81 -9.43
CA VAL A 104 13.67 12.36 -8.92
C VAL A 104 12.79 12.00 -10.10
N TYR A 105 12.40 10.73 -10.16
CA TYR A 105 11.52 10.20 -11.20
C TYR A 105 10.13 10.01 -10.62
N GLU A 106 9.10 10.40 -11.38
CA GLU A 106 7.71 10.13 -11.05
C GLU A 106 7.27 8.87 -11.75
N ASN A 107 6.45 8.05 -11.07
CA ASN A 107 5.92 6.86 -11.71
C ASN A 107 4.72 7.24 -12.57
N PHE A 108 4.13 6.23 -13.20
CA PHE A 108 3.19 6.45 -14.30
C PHE A 108 1.94 7.20 -13.87
N ASP A 109 1.48 7.02 -12.64
CA ASP A 109 0.29 7.71 -12.20
C ASP A 109 0.59 8.88 -11.27
N ALA A 110 1.86 9.30 -11.19
CA ALA A 110 2.34 10.42 -10.38
C ALA A 110 2.14 10.20 -8.89
N SER A 111 1.86 8.96 -8.46
CA SER A 111 1.67 8.74 -7.02
C SER A 111 3.00 8.63 -6.27
N LEU A 112 4.07 8.14 -6.92
CA LEU A 112 5.33 7.92 -6.22
C LEU A 112 6.45 8.71 -6.88
N GLN A 113 7.39 9.17 -6.06
CA GLN A 113 8.53 9.93 -6.55
C GLN A 113 9.79 9.25 -6.05
N PHE A 114 10.61 8.79 -7.00
CA PHE A 114 11.77 7.94 -6.71
C PHE A 114 13.02 8.81 -6.69
N LEU A 115 13.78 8.75 -5.58
CA LEU A 115 15.07 9.41 -5.48
C LEU A 115 16.14 8.50 -6.07
N ALA A 116 16.86 8.96 -7.10
CA ALA A 116 17.71 8.08 -7.87
C ALA A 116 19.00 8.79 -8.30
N VAL A 117 19.95 7.99 -8.76
CA VAL A 117 21.19 8.46 -9.36
C VAL A 117 21.36 7.70 -10.67
N GLY A 118 21.79 8.41 -11.73
CA GLY A 118 21.96 7.78 -13.03
C GLY A 118 23.20 6.91 -13.07
N LEU A 119 23.21 5.93 -14.00
CA LEU A 119 24.37 5.07 -14.18
C LEU A 119 25.51 5.84 -14.83
N SER A 120 26.75 5.52 -14.43
CA SER A 120 27.91 6.18 -15.03
C SER A 120 28.00 5.86 -16.52
N GLU A 121 28.76 6.68 -17.23
CA GLU A 121 28.87 6.46 -18.68
C GLU A 121 29.40 5.08 -19.04
N PRO A 122 30.49 4.58 -18.46
CA PRO A 122 30.95 3.23 -18.85
C PRO A 122 29.95 2.12 -18.53
N ALA A 123 29.22 2.24 -17.43
CA ALA A 123 28.22 1.24 -17.05
C ALA A 123 27.07 1.21 -18.06
N ARG A 124 26.62 2.38 -18.52
CA ARG A 124 25.59 2.40 -19.56
C ARG A 124 26.13 1.82 -20.87
N GLY A 125 27.39 2.14 -21.19
CA GLY A 125 28.00 1.61 -22.40
C GLY A 125 28.11 0.10 -22.41
N ARG A 126 28.46 -0.51 -21.25
CA ARG A 126 28.53 -1.97 -21.19
C ARG A 126 27.16 -2.63 -21.35
N LEU A 127 26.07 -1.92 -21.08
CA LEU A 127 24.72 -2.47 -21.19
C LEU A 127 24.08 -2.28 -22.57
N LYS A 128 24.70 -1.51 -23.46
CA LYS A 128 24.16 -1.33 -24.80
C LYS A 128 23.91 -2.65 -25.54
N PRO A 129 24.82 -3.64 -25.53
CA PRO A 129 24.50 -4.92 -26.20
C PRO A 129 23.28 -5.60 -25.61
N VAL A 130 23.15 -5.55 -24.29
CA VAL A 130 21.98 -6.13 -23.63
C VAL A 130 20.72 -5.37 -24.03
N LEU A 131 20.79 -4.04 -24.02
CA LEU A 131 19.63 -3.25 -24.42
C LEU A 131 19.26 -3.52 -25.87
N SER A 132 20.25 -3.85 -26.72
CA SER A 132 19.92 -4.16 -28.11
C SER A 132 19.18 -5.48 -28.22
N ILE A 133 19.57 -6.46 -27.41
CA ILE A 133 18.87 -7.74 -27.39
C ILE A 133 17.42 -7.54 -26.95
N VAL A 134 17.20 -6.71 -25.92
CA VAL A 134 15.85 -6.41 -25.46
C VAL A 134 15.03 -5.77 -26.58
N GLU A 135 15.62 -4.79 -27.27
CA GLU A 135 14.92 -4.12 -28.35
C GLU A 135 14.53 -5.09 -29.45
N LYS A 136 15.34 -6.11 -29.68
CA LYS A 136 15.07 -7.04 -30.75
C LYS A 136 13.83 -7.90 -30.45
N TYR A 137 13.54 -8.19 -29.18
CA TYR A 137 12.48 -9.14 -28.86
C TYR A 137 11.25 -8.52 -28.21
N LYS A 138 11.25 -7.22 -27.91
CA LYS A 138 10.13 -6.67 -27.17
C LYS A 138 8.88 -6.54 -28.07
N PRO A 139 7.68 -6.64 -27.49
CA PRO A 139 6.47 -6.48 -28.30
C PRO A 139 6.44 -5.09 -28.91
N ARG A 140 5.83 -5.00 -30.09
CA ARG A 140 5.78 -3.74 -30.79
C ARG A 140 4.70 -2.79 -30.25
N SER A 141 3.69 -3.29 -29.56
CA SER A 141 2.68 -2.43 -28.94
C SER A 141 3.00 -2.26 -27.46
N PRO A 142 3.46 -1.10 -27.02
CA PRO A 142 3.85 -0.94 -25.61
C PRO A 142 2.65 -0.75 -24.71
N VAL A 143 2.79 -1.24 -23.47
CA VAL A 143 1.82 -0.95 -22.42
C VAL A 143 2.34 0.03 -21.39
N SER A 144 3.62 0.42 -21.49
CA SER A 144 4.22 1.43 -20.61
C SER A 144 4.30 2.76 -21.34
N ARG A 145 4.09 3.85 -20.60
CA ARG A 145 4.32 5.15 -21.19
C ARG A 145 5.79 5.54 -21.18
N GLN A 146 6.61 4.89 -20.37
CA GLN A 146 8.03 5.26 -20.23
C GLN A 146 8.93 4.14 -20.73
N PRO A 147 9.55 4.28 -21.90
CA PRO A 147 10.52 3.27 -22.35
C PRO A 147 11.83 3.40 -21.57
N VAL A 148 12.57 2.29 -21.55
CA VAL A 148 13.83 2.19 -20.81
C VAL A 148 14.95 2.11 -21.83
N GLY A 149 15.95 2.97 -21.67
CA GLY A 149 17.03 3.03 -22.64
C GLY A 149 18.26 3.63 -22.00
N LEU A 150 19.29 3.79 -22.83
CA LEU A 150 20.56 4.34 -22.38
C LEU A 150 20.41 5.69 -21.71
N ASN A 151 19.41 6.47 -22.12
CA ASN A 151 19.30 7.84 -21.64
C ASN A 151 18.74 7.94 -20.23
N ASN A 152 18.15 6.87 -19.69
CA ASN A 152 17.52 6.96 -18.37
C ASN A 152 17.90 5.81 -17.44
N LEU A 153 18.98 5.07 -17.75
CA LEU A 153 19.45 4.04 -16.83
C LEU A 153 19.79 4.67 -15.50
N HIS A 154 19.31 4.05 -14.41
CA HIS A 154 19.50 4.63 -13.10
C HIS A 154 19.25 3.55 -12.04
N VAL A 155 19.65 3.85 -10.81
CA VAL A 155 19.27 3.08 -9.63
C VAL A 155 18.45 3.99 -8.73
N SER A 156 17.25 3.55 -8.34
CA SER A 156 16.48 4.26 -7.32
C SER A 156 16.87 3.81 -5.93
N PHE A 157 17.01 4.79 -5.02
CA PHE A 157 17.43 4.50 -3.66
C PHE A 157 16.36 4.73 -2.60
N GLY A 158 15.37 5.60 -2.89
CA GLY A 158 14.29 5.84 -1.94
C GLY A 158 13.06 6.25 -2.72
N VAL A 159 11.90 6.18 -2.04
CA VAL A 159 10.65 6.51 -2.69
C VAL A 159 9.74 7.25 -1.72
N ALA A 160 9.17 8.36 -2.18
CA ALA A 160 8.25 9.16 -1.39
C ALA A 160 6.89 9.18 -2.07
N GLN A 161 5.85 9.32 -1.27
CA GLN A 161 4.53 9.57 -1.84
C GLN A 161 4.45 11.00 -2.35
N ASN A 162 3.73 11.20 -3.46
CA ASN A 162 3.49 12.55 -3.98
C ASN A 162 2.33 13.15 -3.18
N ALA A 163 2.63 14.08 -2.28
CA ALA A 163 1.59 14.66 -1.44
C ALA A 163 0.57 15.48 -2.24
N TYR A 164 0.92 15.89 -3.46
CA TYR A 164 0.08 16.76 -4.29
C TYR A 164 -0.57 16.00 -5.43
N LEU A 165 -0.64 14.68 -5.30
CA LEU A 165 -1.17 13.83 -6.35
C LEU A 165 -2.57 14.27 -6.80
N GLN A 166 -3.41 14.67 -5.87
CA GLN A 166 -4.80 14.95 -6.22
C GLN A 166 -5.06 16.43 -6.36
N GLN A 167 -4.00 17.24 -6.42
CA GLN A 167 -4.08 18.67 -6.67
C GLN A 167 -3.98 18.90 -8.18
N ASP A 168 -4.09 20.17 -8.59
CA ASP A 168 -3.91 20.51 -9.99
C ASP A 168 -2.53 20.06 -10.46
N GLU A 169 -2.47 19.54 -11.70
CA GLU A 169 -1.21 19.04 -12.23
C GLU A 169 -0.11 20.10 -12.18
N SER A 170 -0.45 21.37 -12.36
CA SER A 170 0.57 22.41 -12.30
C SER A 170 1.12 22.56 -10.88
N VAL A 171 0.27 22.46 -9.87
CA VAL A 171 0.76 22.52 -8.49
C VAL A 171 1.68 21.33 -8.22
N SER A 172 1.29 20.13 -8.68
CA SER A 172 2.08 18.95 -8.37
C SER A 172 3.43 19.02 -9.09
N ARG A 173 3.44 19.52 -10.33
CA ARG A 173 4.69 19.62 -11.06
C ARG A 173 5.62 20.66 -10.44
N GLN A 174 5.05 21.78 -9.97
CA GLN A 174 5.85 22.81 -9.29
C GLN A 174 6.47 22.26 -8.00
N ARG A 175 5.71 21.48 -7.24
CA ARG A 175 6.26 20.88 -6.02
C ARG A 175 7.32 19.83 -6.32
N LEU A 176 7.15 19.07 -7.41
CA LEU A 176 8.17 18.09 -7.79
C LEU A 176 9.46 18.79 -8.22
N ASP A 177 9.35 19.86 -8.99
CA ASP A 177 10.56 20.53 -9.47
C ASP A 177 11.31 21.19 -8.32
N SER A 178 10.59 21.74 -7.33
CA SER A 178 11.28 22.34 -6.18
C SER A 178 11.85 21.25 -5.28
N LEU A 179 11.19 20.08 -5.22
CA LEU A 179 11.75 18.93 -4.54
C LEU A 179 13.07 18.51 -5.19
N ARG A 180 13.10 18.40 -6.52
CA ARG A 180 14.34 18.09 -7.22
C ARG A 180 15.44 19.07 -6.89
N ASN A 181 15.12 20.35 -6.90
N ASN A 181 15.12 20.36 -6.86
CA ASN A 181 16.11 21.36 -6.52
CA ASN A 181 16.16 21.33 -6.53
C ASN A 181 16.51 21.20 -5.05
C ASN A 181 16.47 21.36 -5.03
N LEU A 182 15.54 20.94 -4.18
CA LEU A 182 15.82 20.86 -2.75
C LEU A 182 16.83 19.75 -2.43
N VAL A 183 16.61 18.53 -2.94
CA VAL A 183 17.53 17.45 -2.59
C VAL A 183 18.90 17.69 -3.20
N ALA A 184 18.95 18.29 -4.39
CA ALA A 184 20.23 18.53 -5.05
C ALA A 184 21.04 19.60 -4.32
N THR A 185 20.40 20.70 -3.91
CA THR A 185 21.17 21.78 -3.30
C THR A 185 21.45 21.51 -1.84
N GLU A 186 20.56 20.82 -1.12
CA GLU A 186 20.70 20.73 0.34
C GLU A 186 21.07 19.36 0.84
N ALA A 187 20.95 18.32 0.01
CA ALA A 187 21.12 16.97 0.51
C ALA A 187 22.06 16.14 -0.36
N SER A 188 23.06 16.79 -0.96
CA SER A 188 23.99 16.16 -1.89
C SER A 188 25.33 15.79 -1.26
N ASP A 189 25.55 16.10 0.02
CA ASP A 189 26.91 16.03 0.54
C ASP A 189 27.44 14.61 0.67
N ARG A 190 26.58 13.60 0.71
CA ARG A 190 27.05 12.23 0.80
C ARG A 190 27.03 11.52 -0.53
N LEU A 191 26.79 12.23 -1.63
CA LEU A 191 26.76 11.54 -2.91
C LEU A 191 28.15 10.99 -3.30
N PRO A 192 29.28 11.68 -3.00
CA PRO A 192 30.58 11.02 -3.22
C PRO A 192 30.72 9.70 -2.48
N LEU A 193 30.24 9.64 -1.24
CA LEU A 193 30.28 8.38 -0.48
C LEU A 193 29.44 7.31 -1.16
N LEU A 194 28.23 7.68 -1.59
CA LEU A 194 27.36 6.71 -2.26
C LEU A 194 28.00 6.23 -3.56
N ARG A 195 28.48 7.15 -4.40
CA ARG A 195 29.04 6.78 -5.69
C ARG A 195 30.29 5.93 -5.53
N ALA A 196 31.10 6.19 -4.48
CA ALA A 196 32.31 5.41 -4.31
C ALA A 196 32.00 3.97 -3.91
N ASN A 197 30.88 3.73 -3.20
CA ASN A 197 30.63 2.43 -2.57
C ASN A 197 29.51 1.62 -3.22
N LEU A 198 28.52 2.27 -3.83
CA LEU A 198 27.43 1.54 -4.45
C LEU A 198 27.86 1.17 -5.87
N GLN A 199 28.81 0.25 -5.91
CA GLN A 199 29.34 -0.30 -7.16
C GLN A 199 29.19 -1.80 -7.10
N PHE A 200 28.86 -2.39 -8.25
CA PHE A 200 28.53 -3.80 -8.32
C PHE A 200 29.10 -4.37 -9.60
N ARG A 201 29.33 -5.68 -9.57
CA ARG A 201 29.62 -6.46 -10.75
C ARG A 201 28.58 -7.57 -10.77
N CYS A 202 27.77 -7.60 -11.81
CA CYS A 202 26.68 -8.56 -11.91
C CYS A 202 27.09 -9.64 -12.88
N HIS A 203 26.86 -10.89 -12.49
CA HIS A 203 27.22 -12.01 -13.34
C HIS A 203 25.99 -12.62 -13.99
N GLU A 204 24.84 -12.00 -13.78
CA GLU A 204 23.60 -12.48 -14.33
C GLU A 204 22.62 -11.34 -14.37
N LEU A 205 21.63 -11.49 -15.22
CA LEU A 205 20.44 -10.66 -15.27
C LEU A 205 19.28 -11.41 -14.62
N LYS A 206 18.21 -10.68 -14.36
CA LYS A 206 16.97 -11.24 -13.85
C LYS A 206 15.83 -10.84 -14.76
N ALA A 207 14.79 -11.66 -14.78
CA ALA A 207 13.59 -11.29 -15.51
C ALA A 207 12.39 -11.65 -14.65
N LYS A 208 11.43 -10.73 -14.59
CA LYS A 208 10.09 -11.09 -14.14
C LYS A 208 9.42 -11.69 -15.36
N VAL A 209 8.98 -12.94 -15.22
CA VAL A 209 8.31 -13.68 -16.26
C VAL A 209 6.94 -14.02 -15.69
N GLY A 210 5.95 -13.23 -16.09
CA GLY A 210 4.65 -13.35 -15.45
C GLY A 210 4.79 -12.98 -13.99
N THR A 211 4.41 -13.89 -13.09
CA THR A 211 4.47 -13.64 -11.66
C THR A 211 5.77 -14.11 -11.02
N SER A 212 6.63 -14.77 -11.77
CA SER A 212 7.85 -15.38 -11.26
C SER A 212 9.05 -14.50 -11.61
N VAL A 213 10.16 -14.75 -10.92
CA VAL A 213 11.45 -14.13 -11.23
C VAL A 213 12.45 -15.23 -11.51
N ILE A 214 13.08 -15.19 -12.68
CA ILE A 214 14.06 -16.19 -13.09
C ILE A 214 15.40 -15.49 -13.31
N THR A 215 16.48 -16.27 -13.36
CA THR A 215 17.84 -15.77 -13.50
C THR A 215 18.38 -16.03 -14.90
N LEU A 216 19.03 -15.03 -15.50
CA LEU A 216 19.64 -15.20 -16.83
C LEU A 216 21.15 -15.07 -16.71
N PRO A 217 21.90 -16.17 -16.68
CA PRO A 217 23.36 -16.05 -16.46
C PRO A 217 24.05 -15.40 -17.65
N LEU A 218 25.15 -14.70 -17.35
N LEU A 218 25.13 -14.68 -17.35
CA LEU A 218 25.95 -14.05 -18.39
CA LEU A 218 25.95 -14.06 -18.39
C LEU A 218 27.02 -15.00 -18.91
C LEU A 218 27.05 -15.03 -18.85
N VAL B 5 -34.81 12.92 -21.01
CA VAL B 5 -33.53 13.60 -20.81
C VAL B 5 -32.39 12.68 -21.21
N SER B 6 -32.52 11.41 -20.85
CA SER B 6 -31.49 10.41 -21.08
C SER B 6 -31.68 9.67 -22.40
N LYS B 7 -32.39 10.27 -23.35
CA LYS B 7 -32.70 9.56 -24.59
C LYS B 7 -31.50 9.47 -25.51
N ASN B 8 -30.76 10.57 -25.68
CA ASN B 8 -29.63 10.64 -26.60
C ASN B 8 -28.26 10.55 -25.90
N ILE B 9 -28.20 9.95 -24.71
CA ILE B 9 -26.99 9.95 -23.90
C ILE B 9 -26.36 8.56 -23.96
N GLY B 10 -25.06 8.51 -24.21
CA GLY B 10 -24.32 7.26 -24.24
C GLY B 10 -23.13 7.28 -23.31
N PHE B 11 -22.78 6.10 -22.79
CA PHE B 11 -21.70 5.97 -21.82
C PHE B 11 -21.13 4.56 -21.92
N LEU B 12 -19.81 4.44 -22.01
CA LEU B 12 -19.12 3.17 -22.17
C LEU B 12 -18.43 2.76 -20.87
N PHE B 13 -18.44 1.47 -20.57
CA PHE B 13 -17.80 1.05 -19.33
C PHE B 13 -17.47 -0.43 -19.37
N LEU B 14 -16.62 -0.86 -18.44
CA LEU B 14 -16.40 -2.26 -18.11
C LEU B 14 -17.18 -2.60 -16.85
N GLU B 15 -17.81 -3.75 -16.85
CA GLU B 15 -18.56 -4.23 -15.70
C GLU B 15 -17.72 -5.25 -14.94
N LEU B 16 -17.55 -5.06 -13.62
CA LEU B 16 -16.69 -5.93 -12.81
C LEU B 16 -17.57 -6.69 -11.81
N ARG B 17 -17.83 -7.97 -12.08
CA ARG B 17 -18.64 -8.79 -11.21
C ARG B 17 -17.72 -9.50 -10.22
N LEU B 18 -17.91 -9.21 -8.93
CA LEU B 18 -17.02 -9.73 -7.90
C LEU B 18 -17.41 -11.16 -7.54
N ASP B 19 -16.40 -12.03 -7.40
CA ASP B 19 -16.70 -13.36 -6.88
C ASP B 19 -16.85 -13.26 -5.35
N SER B 20 -17.21 -14.39 -4.74
CA SER B 20 -17.53 -14.39 -3.32
C SER B 20 -16.35 -13.94 -2.46
N LYS B 21 -15.12 -14.35 -2.82
CA LYS B 21 -13.96 -13.94 -2.04
C LYS B 21 -13.71 -12.45 -2.18
N GLN B 22 -13.84 -11.92 -3.39
CA GLN B 22 -13.66 -10.48 -3.61
C GLN B 22 -14.71 -9.68 -2.85
N GLN B 23 -15.96 -10.18 -2.79
CA GLN B 23 -17.01 -9.51 -2.02
C GLN B 23 -16.67 -9.48 -0.54
N GLN B 24 -16.23 -10.61 0.00
CA GLN B 24 -15.85 -10.65 1.41
C GLN B 24 -14.62 -9.80 1.68
N ILE B 25 -13.68 -9.71 0.73
CA ILE B 25 -12.51 -8.86 0.93
C ILE B 25 -12.92 -7.40 0.97
N MET B 26 -13.80 -6.98 0.05
CA MET B 26 -14.22 -5.58 0.03
C MET B 26 -15.08 -5.23 1.24
N ASP B 27 -15.89 -6.19 1.73
CA ASP B 27 -16.58 -5.99 2.99
C ASP B 27 -15.58 -5.65 4.09
N LEU B 28 -14.49 -6.41 4.17
CA LEU B 28 -13.50 -6.19 5.22
C LEU B 28 -12.77 -4.87 5.04
N VAL B 29 -12.36 -4.58 3.80
CA VAL B 29 -11.60 -3.36 3.54
C VAL B 29 -12.43 -2.14 3.93
N LEU B 30 -13.69 -2.09 3.51
CA LEU B 30 -14.50 -0.89 3.73
C LEU B 30 -14.87 -0.73 5.20
N LYS B 31 -15.08 -1.83 5.93
CA LYS B 31 -15.30 -1.72 7.37
C LYS B 31 -14.09 -1.09 8.05
N GLY B 32 -12.90 -1.42 7.58
CA GLY B 32 -11.70 -0.81 8.14
C GLY B 32 -11.61 0.67 7.80
N VAL B 33 -11.95 1.03 6.55
CA VAL B 33 -11.94 2.44 6.15
C VAL B 33 -12.94 3.23 7.00
N ASN B 34 -14.15 2.69 7.17
CA ASN B 34 -15.20 3.41 7.89
C ASN B 34 -14.97 3.43 9.40
N ALA B 35 -14.25 2.46 9.96
CA ALA B 35 -13.79 2.61 11.34
C ALA B 35 -12.90 3.85 11.48
N VAL B 36 -12.02 4.10 10.50
CA VAL B 36 -11.18 5.30 10.55
C VAL B 36 -12.04 6.55 10.40
N MET B 37 -13.06 6.49 9.53
CA MET B 37 -13.97 7.62 9.42
C MET B 37 -14.68 7.89 10.74
N ASP B 38 -15.13 6.83 11.42
CA ASP B 38 -15.77 6.99 12.72
C ASP B 38 -14.84 7.66 13.71
N THR B 39 -13.61 7.15 13.84
CA THR B 39 -12.65 7.70 14.77
C THR B 39 -12.49 9.21 14.59
N HIS B 40 -12.53 9.68 13.34
CA HIS B 40 -12.33 11.09 13.04
C HIS B 40 -13.64 11.84 12.77
N HIS B 41 -14.79 11.20 13.02
CA HIS B 41 -16.10 11.84 12.86
C HIS B 41 -16.32 12.37 11.44
N ARG B 42 -15.93 11.57 10.45
CA ARG B 42 -16.21 11.84 9.06
C ARG B 42 -17.37 10.97 8.60
N ASN B 43 -17.97 11.35 7.47
CA ASN B 43 -18.97 10.49 6.86
C ASN B 43 -18.32 9.18 6.40
N SER B 44 -19.09 8.10 6.47
CA SER B 44 -18.64 6.80 6.01
C SER B 44 -18.90 6.63 4.51
N PHE B 45 -18.12 5.74 3.89
CA PHE B 45 -18.28 5.40 2.48
C PHE B 45 -19.25 4.23 2.38
N GLU B 46 -20.31 4.41 1.62
CA GLU B 46 -21.23 3.32 1.29
C GLU B 46 -20.55 2.34 0.35
N PRO B 47 -20.48 1.05 0.67
CA PRO B 47 -19.85 0.09 -0.26
C PRO B 47 -20.61 0.00 -1.57
N LEU B 48 -19.89 0.13 -2.70
CA LEU B 48 -20.56 0.11 -3.99
C LEU B 48 -20.83 -1.29 -4.52
N HIS B 49 -20.25 -2.35 -3.92
CA HIS B 49 -20.40 -3.72 -4.40
C HIS B 49 -21.59 -4.44 -3.77
N ARG B 50 -22.37 -3.77 -2.94
CA ARG B 50 -23.56 -4.36 -2.35
C ARG B 50 -24.69 -3.36 -2.49
N GLY B 51 -25.87 -3.84 -2.86
CA GLY B 51 -27.05 -3.01 -2.99
C GLY B 51 -28.00 -3.17 -1.82
N LYS B 52 -29.27 -2.85 -2.09
CA LYS B 52 -30.30 -3.05 -1.07
C LYS B 52 -30.42 -4.54 -0.75
N PHE B 53 -30.69 -4.85 0.52
CA PHE B 53 -30.76 -6.22 1.01
C PHE B 53 -29.45 -6.96 0.79
N GLY B 54 -28.34 -6.22 0.73
CA GLY B 54 -27.01 -6.81 0.60
C GLY B 54 -26.72 -7.51 -0.70
N ALA B 55 -27.61 -7.40 -1.70
CA ALA B 55 -27.40 -8.04 -3.00
C ALA B 55 -26.08 -7.60 -3.63
N MET B 56 -25.32 -8.56 -4.16
CA MET B 56 -24.08 -8.19 -4.82
C MET B 56 -24.36 -7.30 -6.03
N LYS B 57 -23.62 -6.19 -6.15
CA LYS B 57 -23.71 -5.25 -7.26
C LYS B 57 -22.35 -5.11 -7.94
N PRO B 58 -22.32 -5.12 -9.27
CA PRO B 58 -21.03 -5.03 -9.98
C PRO B 58 -20.40 -3.65 -9.84
N LEU B 59 -19.07 -3.63 -9.83
CA LEU B 59 -18.33 -2.39 -9.94
C LEU B 59 -18.11 -2.09 -11.43
N HIS B 60 -17.46 -0.97 -11.72
CA HIS B 60 -17.25 -0.66 -13.12
C HIS B 60 -15.98 0.16 -13.28
N VAL B 61 -15.43 0.09 -14.49
CA VAL B 61 -14.44 1.04 -14.98
C VAL B 61 -15.13 1.90 -16.03
N SER B 62 -15.19 3.19 -15.77
CA SER B 62 -15.71 4.14 -16.75
C SER B 62 -14.74 4.26 -17.91
N LEU B 63 -15.24 4.17 -19.14
CA LEU B 63 -14.41 4.28 -20.32
C LEU B 63 -14.75 5.51 -21.14
N SER B 64 -15.77 6.27 -20.75
CA SER B 64 -16.11 7.48 -21.48
C SER B 64 -16.72 8.47 -20.49
N GLU B 65 -16.66 9.74 -20.87
CA GLU B 65 -17.51 10.73 -20.24
C GLU B 65 -18.96 10.44 -20.59
N THR B 66 -19.87 11.19 -19.96
CA THR B 66 -21.25 11.23 -20.41
C THR B 66 -21.29 11.87 -21.79
N MET B 67 -21.74 11.12 -22.78
CA MET B 67 -21.76 11.57 -24.16
C MET B 67 -23.21 11.89 -24.54
N MET B 68 -23.50 13.17 -24.71
CA MET B 68 -24.83 13.63 -25.08
C MET B 68 -24.80 13.96 -26.57
N PHE B 69 -25.49 13.13 -27.37
CA PHE B 69 -25.51 13.27 -28.82
C PHE B 69 -26.64 14.20 -29.29
N ALA B 70 -26.57 14.58 -30.57
CA ALA B 70 -27.50 15.55 -31.11
C ALA B 70 -28.92 15.01 -31.21
N ASN B 71 -29.09 13.74 -31.54
CA ASN B 71 -30.41 13.15 -31.66
C ASN B 71 -30.31 11.68 -31.30
N GLU B 72 -31.46 11.02 -31.23
CA GLU B 72 -31.46 9.60 -30.92
C GLU B 72 -30.83 8.80 -32.05
N SER B 73 -30.98 9.26 -33.30
CA SER B 73 -30.38 8.56 -34.43
C SER B 73 -28.85 8.67 -34.42
N GLU B 74 -28.33 9.85 -34.08
CA GLU B 74 -26.89 10.00 -34.00
C GLU B 74 -26.30 9.16 -32.87
N LEU B 75 -27.01 9.05 -31.73
CA LEU B 75 -26.56 8.20 -30.63
C LEU B 75 -26.38 6.75 -31.09
N GLU B 76 -27.34 6.24 -31.88
CA GLU B 76 -27.23 4.86 -32.37
C GLU B 76 -26.12 4.73 -33.42
N GLU B 77 -25.96 5.72 -34.29
CA GLU B 77 -24.93 5.65 -35.32
C GLU B 77 -23.53 5.70 -34.71
N LYS B 78 -23.28 6.67 -33.82
CA LYS B 78 -21.95 6.81 -33.25
C LYS B 78 -21.63 5.65 -32.30
N MET B 79 -22.59 5.25 -31.47
CA MET B 79 -22.37 4.10 -30.60
C MET B 79 -22.17 2.83 -31.41
N GLY B 80 -22.86 2.71 -32.54
CA GLY B 80 -22.64 1.56 -33.42
C GLY B 80 -21.24 1.56 -34.01
N ARG B 81 -20.72 2.75 -34.35
CA ARG B 81 -19.36 2.82 -34.89
C ARG B 81 -18.32 2.47 -33.83
N ILE B 82 -18.57 2.85 -32.57
CA ILE B 82 -17.67 2.49 -31.48
C ILE B 82 -17.68 0.98 -31.25
N ARG B 83 -18.88 0.37 -31.28
CA ARG B 83 -18.96 -1.08 -31.13
C ARG B 83 -18.17 -1.78 -32.22
N GLN B 84 -18.34 -1.33 -33.47
CA GLN B 84 -17.68 -2.00 -34.58
C GLN B 84 -16.17 -1.84 -34.50
N GLU B 85 -15.69 -0.62 -34.24
CA GLU B 85 -14.25 -0.41 -34.19
C GLU B 85 -13.60 -1.16 -33.04
N ILE B 86 -14.31 -1.26 -31.91
CA ILE B 86 -13.79 -2.02 -30.78
C ILE B 86 -13.79 -3.50 -31.09
N ARG B 87 -14.86 -4.01 -31.71
CA ARG B 87 -14.85 -5.39 -32.18
C ARG B 87 -13.71 -5.60 -33.17
N ALA B 88 -13.44 -4.60 -34.00
CA ALA B 88 -12.40 -4.69 -35.03
C ALA B 88 -10.99 -4.75 -34.44
N LEU B 89 -10.83 -4.51 -33.15
CA LEU B 89 -9.54 -4.72 -32.52
C LEU B 89 -9.37 -6.21 -32.23
N GLU B 90 -8.16 -6.69 -32.37
CA GLU B 90 -7.90 -8.09 -32.06
C GLU B 90 -7.98 -8.40 -30.58
N CYS B 91 -8.20 -7.39 -29.72
CA CYS B 91 -8.06 -7.54 -28.26
C CYS B 91 -8.67 -8.81 -27.71
N LYS B 92 -9.94 -9.10 -28.02
CA LYS B 92 -10.58 -10.34 -27.58
C LYS B 92 -10.79 -10.36 -26.06
N SER B 93 -9.98 -9.61 -25.32
CA SER B 93 -10.02 -9.60 -23.86
C SER B 93 -9.26 -8.38 -23.34
N VAL B 94 -9.68 -7.85 -22.18
CA VAL B 94 -8.90 -6.82 -21.47
C VAL B 94 -8.74 -7.21 -20.00
N PRO B 95 -7.53 -7.12 -19.45
CA PRO B 95 -7.34 -7.35 -18.01
C PRO B 95 -7.48 -6.07 -17.20
N VAL B 96 -7.95 -6.23 -15.96
CA VAL B 96 -8.13 -5.12 -15.04
C VAL B 96 -7.46 -5.46 -13.71
N ALA B 97 -6.54 -4.61 -13.27
CA ALA B 97 -5.97 -4.68 -11.95
C ALA B 97 -5.69 -3.25 -11.50
N LEU B 98 -5.46 -3.09 -10.20
CA LEU B 98 -5.35 -1.78 -9.60
C LEU B 98 -3.97 -1.58 -9.00
N SER B 99 -3.54 -0.31 -8.88
CA SER B 99 -2.29 -0.07 -8.18
C SER B 99 -2.28 1.31 -7.54
N GLY B 100 -1.42 1.45 -6.54
CA GLY B 100 -1.31 2.71 -5.84
C GLY B 100 -2.26 2.74 -4.66
N GLY B 101 -2.45 3.95 -4.15
CA GLY B 101 -3.23 4.14 -2.95
C GLY B 101 -4.63 4.65 -3.23
N TRP B 102 -5.32 4.99 -2.14
CA TRP B 102 -6.67 5.51 -2.23
C TRP B 102 -6.67 6.85 -2.93
N LEU B 103 -7.65 7.02 -3.81
CA LEU B 103 -7.95 8.31 -4.40
C LEU B 103 -9.37 8.70 -3.98
N VAL B 104 -9.64 10.00 -3.87
CA VAL B 104 -11.01 10.44 -3.66
C VAL B 104 -11.36 11.39 -4.79
N TYR B 105 -12.35 10.98 -5.59
CA TYR B 105 -12.87 11.77 -6.70
C TYR B 105 -14.20 12.38 -6.29
N GLU B 106 -14.42 13.64 -6.67
CA GLU B 106 -15.69 14.31 -6.47
C GLU B 106 -16.54 14.22 -7.74
N ASN B 107 -17.85 14.08 -7.57
CA ASN B 107 -18.67 14.07 -8.77
C ASN B 107 -18.93 15.51 -9.21
N PHE B 108 -19.74 15.66 -10.26
CA PHE B 108 -19.84 16.92 -11.00
C PHE B 108 -20.36 18.07 -10.13
N ASP B 109 -21.27 17.79 -9.21
CA ASP B 109 -21.80 18.84 -8.36
C ASP B 109 -21.22 18.81 -6.95
N ALA B 110 -20.12 18.07 -6.74
CA ALA B 110 -19.42 17.98 -5.46
C ALA B 110 -20.26 17.38 -4.35
N SER B 111 -21.39 16.76 -4.66
CA SER B 111 -22.22 16.16 -3.63
C SER B 111 -21.68 14.80 -3.16
N LEU B 112 -20.97 14.07 -4.02
CA LEU B 112 -20.53 12.72 -3.70
C LEU B 112 -19.01 12.65 -3.78
N GLN B 113 -18.43 11.86 -2.89
CA GLN B 113 -16.99 11.67 -2.87
C GLN B 113 -16.72 10.17 -2.97
N PHE B 114 -16.05 9.76 -4.03
CA PHE B 114 -15.86 8.36 -4.39
C PHE B 114 -14.47 7.91 -3.96
N LEU B 115 -14.43 6.85 -3.14
CA LEU B 115 -13.17 6.22 -2.75
C LEU B 115 -12.78 5.22 -3.83
N ALA B 116 -11.62 5.41 -4.43
CA ALA B 116 -11.25 4.71 -5.65
C ALA B 116 -9.78 4.29 -5.59
N VAL B 117 -9.40 3.39 -6.51
CA VAL B 117 -8.02 3.03 -6.75
C VAL B 117 -7.79 3.08 -8.25
N GLY B 118 -6.66 3.64 -8.67
CA GLY B 118 -6.36 3.74 -10.08
C GLY B 118 -5.99 2.40 -10.68
N LEU B 119 -6.20 2.27 -12.00
CA LEU B 119 -5.84 1.04 -12.70
C LEU B 119 -4.33 0.90 -12.81
N SER B 120 -3.85 -0.34 -12.78
CA SER B 120 -2.43 -0.60 -12.97
C SER B 120 -1.99 -0.13 -14.35
N GLU B 121 -0.69 0.13 -14.49
CA GLU B 121 -0.20 0.68 -15.75
C GLU B 121 -0.47 -0.24 -16.94
N PRO B 122 -0.18 -1.54 -16.89
CA PRO B 122 -0.48 -2.38 -18.07
C PRO B 122 -1.96 -2.44 -18.38
N ALA B 123 -2.83 -2.40 -17.36
CA ALA B 123 -4.26 -2.38 -17.61
C ALA B 123 -4.67 -1.12 -18.36
N ARG B 124 -4.11 0.03 -17.97
CA ARG B 124 -4.37 1.26 -18.72
C ARG B 124 -3.79 1.16 -20.13
N GLY B 125 -2.60 0.57 -20.26
CA GLY B 125 -1.99 0.44 -21.58
C GLY B 125 -2.83 -0.38 -22.54
N ARG B 126 -3.41 -1.49 -22.06
CA ARG B 126 -4.25 -2.31 -22.94
C ARG B 126 -5.53 -1.59 -23.35
N LEU B 127 -6.00 -0.62 -22.55
CA LEU B 127 -7.22 0.08 -22.89
C LEU B 127 -7.00 1.31 -23.76
N LYS B 128 -5.75 1.72 -24.01
CA LYS B 128 -5.53 2.90 -24.86
C LYS B 128 -6.23 2.83 -26.21
N PRO B 129 -6.25 1.70 -26.94
CA PRO B 129 -7.01 1.69 -28.22
C PRO B 129 -8.49 1.95 -28.06
N VAL B 130 -9.09 1.38 -27.01
CA VAL B 130 -10.52 1.61 -26.74
C VAL B 130 -10.76 3.09 -26.47
N LEU B 131 -9.91 3.71 -25.64
CA LEU B 131 -10.07 5.13 -25.36
C LEU B 131 -9.87 5.98 -26.61
N SER B 132 -9.04 5.52 -27.54
CA SER B 132 -8.84 6.26 -28.78
C SER B 132 -10.07 6.19 -29.68
N ILE B 133 -10.76 5.03 -29.69
CA ILE B 133 -12.02 4.88 -30.42
C ILE B 133 -13.10 5.78 -29.84
N VAL B 134 -13.22 5.81 -28.50
CA VAL B 134 -14.19 6.70 -27.87
C VAL B 134 -13.90 8.14 -28.22
N GLU B 135 -12.63 8.53 -28.16
CA GLU B 135 -12.25 9.90 -28.45
C GLU B 135 -12.65 10.29 -29.86
N LYS B 136 -12.59 9.35 -30.81
CA LYS B 136 -12.90 9.67 -32.20
C LYS B 136 -14.39 9.92 -32.43
N TYR B 137 -15.26 9.27 -31.66
CA TYR B 137 -16.69 9.31 -31.93
C TYR B 137 -17.49 10.10 -30.90
N LYS B 138 -16.85 10.66 -29.88
CA LYS B 138 -17.58 11.37 -28.85
C LYS B 138 -18.13 12.68 -29.42
N PRO B 139 -19.23 13.20 -28.86
CA PRO B 139 -19.75 14.49 -29.32
C PRO B 139 -18.71 15.58 -29.13
N ARG B 140 -18.74 16.57 -30.01
CA ARG B 140 -17.79 17.67 -29.89
C ARG B 140 -18.23 18.69 -28.83
N SER B 141 -19.52 18.72 -28.48
CA SER B 141 -19.99 19.56 -27.40
C SER B 141 -20.10 18.69 -26.15
N PRO B 142 -19.16 18.78 -25.22
CA PRO B 142 -19.21 17.91 -24.05
C PRO B 142 -20.20 18.43 -23.03
N VAL B 143 -20.80 17.49 -22.30
CA VAL B 143 -21.64 17.84 -21.16
C VAL B 143 -20.92 17.59 -19.85
N SER B 144 -19.82 16.83 -19.86
CA SER B 144 -19.10 16.52 -18.63
C SER B 144 -17.87 17.42 -18.51
N ARG B 145 -17.49 17.71 -17.26
CA ARG B 145 -16.36 18.62 -17.05
C ARG B 145 -15.01 17.92 -17.24
N GLN B 146 -14.96 16.61 -17.01
CA GLN B 146 -13.70 15.86 -17.07
C GLN B 146 -13.89 14.67 -18.01
N PRO B 147 -13.12 14.57 -19.09
CA PRO B 147 -13.17 13.37 -19.93
C PRO B 147 -12.48 12.21 -19.23
N VAL B 148 -12.75 11.00 -19.73
CA VAL B 148 -12.10 9.80 -19.23
C VAL B 148 -10.87 9.59 -20.08
N GLY B 149 -9.71 9.47 -19.44
CA GLY B 149 -8.48 9.33 -20.18
C GLY B 149 -7.56 8.37 -19.46
N LEU B 150 -6.38 8.20 -20.04
CA LEU B 150 -5.41 7.33 -19.42
C LEU B 150 -5.06 7.79 -18.00
N ASN B 151 -5.11 9.10 -17.74
CA ASN B 151 -4.61 9.60 -16.47
C ASN B 151 -5.60 9.41 -15.34
N ASN B 152 -6.86 9.03 -15.62
CA ASN B 152 -7.82 8.92 -14.52
C ASN B 152 -8.60 7.61 -14.51
N LEU B 153 -8.17 6.58 -15.23
CA LEU B 153 -8.82 5.27 -15.16
C LEU B 153 -8.73 4.70 -13.74
N HIS B 154 -9.86 4.24 -13.21
CA HIS B 154 -9.93 3.83 -11.82
C HIS B 154 -11.17 2.97 -11.62
N VAL B 155 -11.23 2.30 -10.46
CA VAL B 155 -12.44 1.66 -9.98
C VAL B 155 -12.83 2.34 -8.67
N SER B 156 -14.08 2.77 -8.56
CA SER B 156 -14.59 3.30 -7.31
C SER B 156 -15.15 2.15 -6.47
N PHE B 157 -14.80 2.14 -5.18
CA PHE B 157 -15.18 1.07 -4.27
C PHE B 157 -16.18 1.50 -3.20
N GLY B 158 -16.24 2.81 -2.88
CA GLY B 158 -17.23 3.33 -1.95
C GLY B 158 -17.54 4.76 -2.32
N VAL B 159 -18.66 5.26 -1.79
CA VAL B 159 -19.12 6.63 -2.04
C VAL B 159 -19.66 7.23 -0.74
N ALA B 160 -19.21 8.44 -0.44
CA ALA B 160 -19.64 9.18 0.74
C ALA B 160 -20.34 10.47 0.32
N GLN B 161 -21.26 10.92 1.16
CA GLN B 161 -21.83 12.25 0.97
C GLN B 161 -20.84 13.29 1.45
N ASN B 162 -20.76 14.39 0.72
CA ASN B 162 -19.92 15.52 1.12
C ASN B 162 -20.68 16.31 2.17
N ALA B 163 -20.27 16.19 3.44
CA ALA B 163 -20.97 16.90 4.51
C ALA B 163 -20.83 18.41 4.37
N TYR B 164 -19.84 18.88 3.61
CA TYR B 164 -19.57 20.31 3.47
C TYR B 164 -20.07 20.86 2.14
N LEU B 165 -21.00 20.14 1.50
CA LEU B 165 -21.49 20.52 0.17
C LEU B 165 -22.02 21.93 0.16
N GLN B 166 -22.74 22.33 1.19
CA GLN B 166 -23.42 23.61 1.19
C GLN B 166 -22.67 24.65 2.01
N GLN B 167 -21.41 24.37 2.35
CA GLN B 167 -20.51 25.29 3.00
C GLN B 167 -19.71 26.05 1.95
N ASP B 168 -18.84 26.95 2.40
CA ASP B 168 -17.97 27.67 1.50
C ASP B 168 -17.09 26.69 0.72
N GLU B 169 -16.91 26.98 -0.57
CA GLU B 169 -16.14 26.10 -1.45
C GLU B 169 -14.74 25.86 -0.92
N SER B 170 -14.13 26.87 -0.29
CA SER B 170 -12.80 26.66 0.26
C SER B 170 -12.86 25.70 1.44
N VAL B 171 -13.92 25.79 2.26
CA VAL B 171 -14.08 24.87 3.39
C VAL B 171 -14.28 23.44 2.88
N SER B 172 -15.09 23.28 1.83
CA SER B 172 -15.36 21.94 1.31
C SER B 172 -14.11 21.34 0.70
N ARG B 173 -13.27 22.15 0.05
CA ARG B 173 -12.03 21.63 -0.54
C ARG B 173 -11.02 21.27 0.54
N GLN B 174 -10.92 22.07 1.61
CA GLN B 174 -9.99 21.73 2.68
C GLN B 174 -10.39 20.42 3.36
N ARG B 175 -11.70 20.19 3.56
CA ARG B 175 -12.14 18.93 4.17
C ARG B 175 -11.92 17.74 3.24
N LEU B 176 -12.08 17.94 1.93
CA LEU B 176 -11.80 16.88 0.96
C LEU B 176 -10.32 16.55 0.92
N ASP B 177 -9.46 17.57 0.98
CA ASP B 177 -8.03 17.33 0.93
C ASP B 177 -7.54 16.64 2.20
N SER B 178 -8.11 17.00 3.36
CA SER B 178 -7.75 16.28 4.58
C SER B 178 -8.36 14.89 4.64
N LEU B 179 -9.54 14.69 4.02
CA LEU B 179 -10.09 13.35 3.87
C LEU B 179 -9.16 12.47 3.04
N ARG B 180 -8.67 12.98 1.91
CA ARG B 180 -7.70 12.25 1.11
C ARG B 180 -6.48 11.88 1.94
N ASN B 181 -5.97 12.83 2.73
CA ASN B 181 -4.80 12.54 3.54
C ASN B 181 -5.11 11.52 4.63
N LEU B 182 -6.32 11.58 5.20
CA LEU B 182 -6.72 10.67 6.25
C LEU B 182 -6.79 9.22 5.77
N VAL B 183 -7.47 8.95 4.66
CA VAL B 183 -7.58 7.57 4.19
C VAL B 183 -6.22 7.02 3.78
N ALA B 184 -5.33 7.89 3.27
CA ALA B 184 -3.99 7.47 2.89
C ALA B 184 -3.13 7.16 4.11
N THR B 185 -3.16 8.01 5.14
CA THR B 185 -2.28 7.81 6.28
C THR B 185 -2.82 6.77 7.26
N GLU B 186 -4.15 6.66 7.41
CA GLU B 186 -4.72 5.78 8.44
C GLU B 186 -5.58 4.62 7.93
N ALA B 187 -5.98 4.60 6.67
CA ALA B 187 -6.94 3.56 6.27
C ALA B 187 -6.41 2.78 5.06
N SER B 188 -5.10 2.72 4.91
CA SER B 188 -4.45 2.09 3.78
C SER B 188 -3.95 0.67 4.06
N ASP B 189 -4.12 0.15 5.28
CA ASP B 189 -3.41 -1.05 5.65
C ASP B 189 -3.90 -2.29 4.90
N ARG B 190 -5.11 -2.27 4.35
CA ARG B 190 -5.65 -3.40 3.58
C ARG B 190 -5.58 -3.17 2.08
N LEU B 191 -4.85 -2.14 1.64
CA LEU B 191 -4.74 -1.94 0.20
C LEU B 191 -3.95 -3.09 -0.47
N PRO B 192 -2.89 -3.64 0.14
CA PRO B 192 -2.28 -4.83 -0.51
C PRO B 192 -3.27 -5.97 -0.71
N LEU B 193 -4.14 -6.23 0.27
CA LEU B 193 -5.15 -7.26 0.10
C LEU B 193 -6.07 -6.94 -1.07
N LEU B 194 -6.51 -5.67 -1.18
CA LEU B 194 -7.40 -5.30 -2.27
C LEU B 194 -6.72 -5.45 -3.62
N ARG B 195 -5.49 -4.90 -3.75
CA ARG B 195 -4.82 -4.91 -5.05
C ARG B 195 -4.50 -6.33 -5.49
N ALA B 196 -4.17 -7.21 -4.55
CA ALA B 196 -3.80 -8.56 -4.92
C ALA B 196 -5.00 -9.38 -5.38
N ASN B 197 -6.22 -9.03 -4.97
CA ASN B 197 -7.36 -9.90 -5.20
C ASN B 197 -8.42 -9.33 -6.13
N LEU B 198 -8.52 -8.00 -6.24
CA LEU B 198 -9.52 -7.35 -7.09
C LEU B 198 -8.94 -7.19 -8.50
N GLN B 199 -8.87 -8.32 -9.18
CA GLN B 199 -8.38 -8.41 -10.55
C GLN B 199 -9.42 -9.13 -11.39
N PHE B 200 -9.56 -8.70 -12.65
CA PHE B 200 -10.62 -9.17 -13.53
C PHE B 200 -10.08 -9.34 -14.94
N ARG B 201 -10.76 -10.21 -15.70
CA ARG B 201 -10.57 -10.31 -17.14
C ARG B 201 -11.92 -10.13 -17.83
N CYS B 202 -12.03 -9.10 -18.67
CA CYS B 202 -13.29 -8.81 -19.36
C CYS B 202 -13.19 -9.16 -20.83
N HIS B 203 -14.21 -9.86 -21.32
CA HIS B 203 -14.30 -10.27 -22.71
C HIS B 203 -15.27 -9.43 -23.51
N GLU B 204 -15.85 -8.40 -22.89
CA GLU B 204 -16.81 -7.50 -23.52
C GLU B 204 -16.82 -6.19 -22.76
N LEU B 205 -17.26 -5.14 -23.44
CA LEU B 205 -17.57 -3.84 -22.87
C LEU B 205 -19.08 -3.72 -22.70
N LYS B 206 -19.51 -2.72 -21.95
CA LYS B 206 -20.92 -2.44 -21.85
C LYS B 206 -21.16 -0.98 -22.19
N ALA B 207 -22.34 -0.66 -22.70
CA ALA B 207 -22.66 0.73 -23.00
C ALA B 207 -24.09 1.02 -22.57
N LYS B 208 -24.28 2.15 -21.89
CA LYS B 208 -25.62 2.69 -21.76
C LYS B 208 -25.93 3.44 -23.04
N VAL B 209 -27.00 3.03 -23.74
CA VAL B 209 -27.41 3.62 -25.01
C VAL B 209 -28.81 4.16 -24.80
N GLY B 210 -28.91 5.44 -24.47
CA GLY B 210 -30.21 5.97 -24.15
C GLY B 210 -30.78 5.23 -22.96
N THR B 211 -31.90 4.55 -23.20
CA THR B 211 -32.65 3.85 -22.18
C THR B 211 -32.19 2.41 -21.96
N SER B 212 -31.40 1.85 -22.87
CA SER B 212 -30.97 0.45 -22.78
C SER B 212 -29.47 0.36 -22.45
N VAL B 213 -29.08 -0.84 -22.03
CA VAL B 213 -27.68 -1.19 -21.80
C VAL B 213 -27.36 -2.32 -22.76
N ILE B 214 -26.33 -2.13 -23.57
CA ILE B 214 -25.97 -3.12 -24.58
C ILE B 214 -24.57 -3.67 -24.28
N THR B 215 -24.27 -4.79 -24.92
CA THR B 215 -23.00 -5.47 -24.78
C THR B 215 -22.18 -5.27 -26.06
N LEU B 216 -20.92 -4.93 -25.92
CA LEU B 216 -19.99 -4.79 -27.03
C LEU B 216 -18.91 -5.85 -26.90
N PRO B 217 -18.96 -6.93 -27.68
CA PRO B 217 -17.97 -8.00 -27.50
C PRO B 217 -16.58 -7.58 -27.96
N LEU B 218 -15.57 -8.23 -27.39
N LEU B 218 -15.58 -8.23 -27.39
CA LEU B 218 -14.18 -7.92 -27.70
CA LEU B 218 -14.20 -8.06 -27.82
C LEU B 218 -13.59 -8.90 -28.70
C LEU B 218 -13.77 -9.24 -28.68
N PRO C 4 -16.48 -17.12 7.13
CA PRO C 4 -15.34 -16.41 7.70
C PRO C 4 -14.69 -17.13 8.89
N VAL C 5 -13.36 -17.17 8.92
CA VAL C 5 -12.64 -17.86 10.00
C VAL C 5 -12.94 -17.21 11.35
N SER C 6 -13.00 -15.88 11.38
CA SER C 6 -13.21 -15.10 12.59
C SER C 6 -14.68 -14.72 12.79
N LYS C 7 -15.60 -15.68 12.62
CA LYS C 7 -17.02 -15.34 12.69
C LYS C 7 -17.52 -15.13 14.12
N ASN C 8 -17.22 -16.06 15.03
CA ASN C 8 -17.70 -16.02 16.40
C ASN C 8 -16.64 -15.49 17.37
N ILE C 9 -15.75 -14.62 16.87
CA ILE C 9 -14.54 -14.20 17.57
C ILE C 9 -14.73 -12.79 18.14
N GLY C 10 -14.43 -12.63 19.42
CA GLY C 10 -14.45 -11.31 20.05
C GLY C 10 -13.12 -11.02 20.73
N PHE C 11 -12.78 -9.73 20.79
CA PHE C 11 -11.50 -9.30 21.36
C PHE C 11 -11.64 -7.87 21.86
N LEU C 12 -11.22 -7.63 23.10
CA LEU C 12 -11.31 -6.32 23.74
C LEU C 12 -9.92 -5.68 23.87
N PHE C 13 -9.85 -4.37 23.67
CA PHE C 13 -8.55 -3.71 23.77
C PHE C 13 -8.72 -2.22 23.98
N LEU C 14 -7.62 -1.57 24.38
CA LEU C 14 -7.47 -0.13 24.39
C LEU C 14 -6.66 0.29 23.18
N GLU C 15 -7.06 1.38 22.55
CA GLU C 15 -6.33 1.93 21.42
C GLU C 15 -5.47 3.10 21.86
N LEU C 16 -4.17 3.07 21.51
CA LEU C 16 -3.24 4.12 21.95
C LEU C 16 -2.70 4.88 20.72
N ARG C 17 -3.24 6.07 20.48
CA ARG C 17 -2.80 6.92 19.39
C ARG C 17 -1.66 7.82 19.88
N LEU C 18 -0.49 7.70 19.27
CA LEU C 18 0.70 8.44 19.68
C LEU C 18 0.71 9.83 19.05
N ASP C 19 1.06 10.84 19.83
CA ASP C 19 1.28 12.15 19.26
C ASP C 19 2.66 12.21 18.61
N SER C 20 2.96 13.35 17.99
CA SER C 20 4.17 13.49 17.20
C SER C 20 5.42 13.26 18.05
N LYS C 21 5.42 13.76 19.29
CA LYS C 21 6.55 13.58 20.18
C LYS C 21 6.71 12.12 20.61
N GLN C 22 5.61 11.46 20.94
CA GLN C 22 5.67 10.05 21.33
C GLN C 22 6.21 9.19 20.19
N GLN C 23 5.82 9.52 18.94
CA GLN C 23 6.34 8.79 17.78
C GLN C 23 7.84 8.96 17.64
N GLN C 24 8.34 10.19 17.81
CA GLN C 24 9.78 10.45 17.69
C GLN C 24 10.55 9.78 18.80
N ILE C 25 9.96 9.72 19.99
CA ILE C 25 10.59 9.00 21.09
C ILE C 25 10.65 7.52 20.77
N MET C 26 9.56 6.94 20.25
CA MET C 26 9.59 5.50 19.96
C MET C 26 10.53 5.21 18.80
N ASP C 27 10.64 6.13 17.82
CA ASP C 27 11.66 6.00 16.78
C ASP C 27 13.04 5.88 17.41
N LEU C 28 13.34 6.76 18.35
CA LEU C 28 14.66 6.81 18.96
C LEU C 28 14.91 5.56 19.80
N VAL C 29 13.92 5.18 20.59
CA VAL C 29 14.07 4.04 21.48
C VAL C 29 14.30 2.76 20.68
N LEU C 30 13.48 2.51 19.66
CA LEU C 30 13.58 1.27 18.90
C LEU C 30 14.84 1.23 18.04
N LYS C 31 15.29 2.40 17.57
CA LYS C 31 16.57 2.45 16.86
C LYS C 31 17.71 2.04 17.78
N GLY C 32 17.66 2.45 19.06
CA GLY C 32 18.69 2.05 20.01
C GLY C 32 18.66 0.57 20.34
N VAL C 33 17.46 0.00 20.51
CA VAL C 33 17.33 -1.44 20.74
C VAL C 33 17.89 -2.20 19.55
N ASN C 34 17.54 -1.77 18.34
CA ASN C 34 17.97 -2.48 17.14
C ASN C 34 19.45 -2.27 16.86
N ALA C 35 20.06 -1.16 17.31
CA ALA C 35 21.51 -1.06 17.23
C ALA C 35 22.16 -2.18 18.02
N VAL C 36 21.62 -2.49 19.19
CA VAL C 36 22.17 -3.60 19.97
C VAL C 36 21.92 -4.94 19.28
N MET C 37 20.75 -5.12 18.66
CA MET C 37 20.51 -6.38 17.95
C MET C 37 21.52 -6.56 16.83
N ASP C 38 21.82 -5.50 16.09
CA ASP C 38 22.81 -5.59 15.02
C ASP C 38 24.18 -5.98 15.55
N THR C 39 24.62 -5.31 16.62
CA THR C 39 25.90 -5.64 17.24
C THR C 39 26.00 -7.13 17.55
N HIS C 40 24.90 -7.73 18.00
CA HIS C 40 24.90 -9.12 18.46
C HIS C 40 24.38 -10.10 17.42
N HIS C 41 24.17 -9.65 16.19
CA HIS C 41 23.73 -10.50 15.10
C HIS C 41 22.40 -11.17 15.42
N ARG C 42 21.51 -10.40 16.04
CA ARG C 42 20.15 -10.87 16.31
C ARG C 42 19.21 -10.25 15.30
N ASN C 43 18.02 -10.85 15.21
CA ASN C 43 16.95 -10.25 14.42
C ASN C 43 16.53 -8.92 15.04
N SER C 44 16.16 -7.98 14.18
CA SER C 44 15.70 -6.66 14.60
C SER C 44 14.19 -6.63 14.81
N PHE C 45 13.75 -5.67 15.64
CA PHE C 45 12.34 -5.44 15.91
C PHE C 45 11.76 -4.43 14.92
N GLU C 46 10.70 -4.83 14.27
CA GLU C 46 9.93 -3.91 13.45
C GLU C 46 9.16 -2.97 14.38
N PRO C 47 9.30 -1.65 14.26
CA PRO C 47 8.51 -0.75 15.12
C PRO C 47 7.03 -0.88 14.83
N LEU C 48 6.23 -1.02 15.89
CA LEU C 48 4.78 -1.22 15.74
C LEU C 48 4.00 0.08 15.60
N HIS C 49 4.61 1.25 15.83
CA HIS C 49 3.86 2.50 15.78
C HIS C 49 3.90 3.18 14.42
N ARG C 50 4.57 2.60 13.43
CA ARG C 50 4.70 3.16 12.09
C ARG C 50 4.44 2.12 11.02
N GLY C 51 3.74 2.53 9.96
CA GLY C 51 3.58 1.71 8.77
C GLY C 51 4.45 2.22 7.63
N LYS C 52 4.12 1.79 6.42
CA LYS C 52 4.86 2.25 5.26
C LYS C 52 4.69 3.76 5.10
N PHE C 53 5.75 4.39 4.63
CA PHE C 53 5.79 5.84 4.44
C PHE C 53 5.60 6.58 5.77
N GLY C 54 6.01 5.95 6.85
CA GLY C 54 5.97 6.58 8.15
C GLY C 54 4.60 6.88 8.70
N ALA C 55 3.53 6.39 8.06
CA ALA C 55 2.20 6.63 8.59
C ALA C 55 2.11 6.09 10.01
N MET C 56 1.66 6.95 10.94
CA MET C 56 1.52 6.56 12.34
C MET C 56 0.50 5.43 12.48
N LYS C 57 0.84 4.42 13.29
CA LYS C 57 -0.06 3.31 13.57
C LYS C 57 -0.32 3.21 15.06
N PRO C 58 -1.58 3.10 15.51
CA PRO C 58 -1.83 3.04 16.96
C PRO C 58 -1.29 1.76 17.57
N LEU C 59 -0.87 1.87 18.84
CA LEU C 59 -0.53 0.75 19.68
C LEU C 59 -1.79 0.29 20.42
N HIS C 60 -1.70 -0.77 21.22
CA HIS C 60 -2.88 -1.25 21.94
C HIS C 60 -2.48 -1.93 23.25
N VAL C 61 -3.43 -1.97 24.19
CA VAL C 61 -3.39 -2.85 25.36
C VAL C 61 -4.46 -3.91 25.12
N SER C 62 -4.05 -5.17 24.96
CA SER C 62 -5.04 -6.24 24.87
C SER C 62 -5.75 -6.41 26.21
N LEU C 63 -7.09 -6.50 26.19
CA LEU C 63 -7.84 -6.66 27.42
C LEU C 63 -8.55 -8.01 27.50
N SER C 64 -8.43 -8.84 26.47
CA SER C 64 -9.01 -10.17 26.49
C SER C 64 -8.17 -11.05 25.58
N GLU C 65 -8.24 -12.35 25.84
CA GLU C 65 -7.80 -13.30 24.84
C GLU C 65 -8.71 -13.19 23.62
N THR C 66 -8.32 -13.88 22.55
CA THR C 66 -9.25 -14.08 21.45
C THR C 66 -10.36 -14.99 21.96
N MET C 67 -11.59 -14.49 21.98
CA MET C 67 -12.71 -15.19 22.59
C MET C 67 -13.50 -15.85 21.48
N MET C 68 -13.46 -17.18 21.44
CA MET C 68 -14.15 -17.92 20.41
C MET C 68 -15.46 -18.44 21.00
N PHE C 69 -16.56 -17.81 20.61
CA PHE C 69 -17.87 -18.18 21.14
C PHE C 69 -18.49 -19.28 20.27
N ALA C 70 -19.54 -19.92 20.80
CA ALA C 70 -20.12 -21.07 20.13
C ALA C 70 -20.86 -20.67 18.85
N ASN C 71 -21.55 -19.54 18.87
CA ASN C 71 -22.32 -19.08 17.71
C ASN C 71 -22.40 -17.57 17.73
N GLU C 72 -23.00 -17.01 16.68
CA GLU C 72 -23.20 -15.57 16.65
C GLU C 72 -24.13 -15.11 17.75
N SER C 73 -25.07 -15.97 18.18
CA SER C 73 -25.97 -15.59 19.25
C SER C 73 -25.24 -15.48 20.58
N GLU C 74 -24.33 -16.40 20.87
CA GLU C 74 -23.55 -16.30 22.10
C GLU C 74 -22.61 -15.10 22.07
N LEU C 75 -21.97 -14.86 20.92
CA LEU C 75 -21.08 -13.70 20.79
C LEU C 75 -21.82 -12.40 21.04
N GLU C 76 -23.04 -12.26 20.51
CA GLU C 76 -23.77 -11.02 20.69
C GLU C 76 -24.20 -10.82 22.14
N GLU C 77 -24.62 -11.89 22.81
CA GLU C 77 -25.06 -11.78 24.20
C GLU C 77 -23.89 -11.46 25.13
N LYS C 78 -22.79 -12.19 25.01
CA LYS C 78 -21.68 -11.99 25.93
C LYS C 78 -20.97 -10.66 25.67
N MET C 79 -20.75 -10.32 24.39
CA MET C 79 -20.15 -9.02 24.06
C MET C 79 -21.06 -7.87 24.47
N GLY C 80 -22.38 -8.04 24.34
CA GLY C 80 -23.30 -7.01 24.79
C GLY C 80 -23.28 -6.83 26.30
N ARG C 81 -23.22 -7.93 27.04
CA ARG C 81 -23.14 -7.85 28.49
C ARG C 81 -21.81 -7.24 28.95
N ILE C 82 -20.73 -7.51 28.22
CA ILE C 82 -19.47 -6.85 28.54
C ILE C 82 -19.59 -5.34 28.27
N ARG C 83 -20.19 -4.96 27.15
CA ARG C 83 -20.37 -3.55 26.83
C ARG C 83 -21.18 -2.83 27.88
N GLN C 84 -22.33 -3.41 28.26
CA GLN C 84 -23.20 -2.74 29.22
C GLN C 84 -22.56 -2.65 30.59
N GLU C 85 -21.91 -3.74 31.03
CA GLU C 85 -21.32 -3.72 32.36
C GLU C 85 -20.19 -2.70 32.46
N ILE C 86 -19.43 -2.51 31.38
CA ILE C 86 -18.30 -1.58 31.41
C ILE C 86 -18.81 -0.14 31.54
N ARG C 87 -19.87 0.23 30.81
CA ARG C 87 -20.47 1.54 30.99
C ARG C 87 -20.91 1.74 32.44
N ALA C 88 -21.42 0.68 33.05
CA ALA C 88 -21.94 0.69 34.43
C ALA C 88 -20.86 0.85 35.49
N LEU C 89 -19.58 0.75 35.13
CA LEU C 89 -18.50 0.93 36.09
C LEU C 89 -18.28 2.38 36.46
N GLU C 90 -18.84 3.31 35.68
CA GLU C 90 -18.76 4.73 35.97
C GLU C 90 -17.38 5.29 35.65
N CYS C 91 -16.42 4.42 35.27
CA CYS C 91 -15.12 4.90 34.83
C CYS C 91 -15.31 5.99 33.81
N LYS C 92 -14.79 7.18 34.09
CA LYS C 92 -14.86 8.20 33.05
C LYS C 92 -13.76 8.01 32.03
N SER C 93 -12.67 7.39 32.45
CA SER C 93 -11.47 7.19 31.65
C SER C 93 -10.63 6.17 32.38
N VAL C 94 -9.69 5.57 31.65
CA VAL C 94 -8.69 4.69 32.22
C VAL C 94 -7.33 5.27 31.86
N PRO C 95 -6.41 5.41 32.80
CA PRO C 95 -5.07 5.89 32.45
C PRO C 95 -4.18 4.72 32.05
N VAL C 96 -3.25 5.00 31.15
CA VAL C 96 -2.29 3.98 30.72
C VAL C 96 -0.89 4.55 30.87
N ALA C 97 -0.06 3.90 31.69
CA ALA C 97 1.35 4.20 31.83
C ALA C 97 2.08 2.88 31.99
N LEU C 98 3.39 2.93 31.82
CA LEU C 98 4.23 1.74 31.83
C LEU C 98 5.23 1.80 32.98
N SER C 99 5.68 0.62 33.41
CA SER C 99 6.75 0.59 34.41
C SER C 99 7.56 -0.68 34.25
N GLY C 100 8.80 -0.63 34.74
CA GLY C 100 9.70 -1.76 34.63
C GLY C 100 10.49 -1.73 33.35
N GLY C 101 11.10 -2.87 33.03
CA GLY C 101 11.96 -2.99 31.87
C GLY C 101 11.29 -3.69 30.71
N TRP C 102 12.11 -4.00 29.71
CA TRP C 102 11.64 -4.70 28.51
C TRP C 102 11.18 -6.10 28.85
N LEU C 103 10.06 -6.49 28.25
CA LEU C 103 9.57 -7.87 28.24
C LEU C 103 9.53 -8.33 26.79
N VAL C 104 9.71 -9.64 26.57
CA VAL C 104 9.55 -10.23 25.24
C VAL C 104 8.51 -11.33 25.34
N TYR C 105 7.39 -11.16 24.62
CA TYR C 105 6.31 -12.13 24.56
C TYR C 105 6.35 -12.85 23.20
N GLU C 106 6.12 -14.17 23.22
CA GLU C 106 5.98 -14.96 22.01
C GLU C 106 4.51 -15.14 21.66
N ASN C 107 4.20 -15.14 20.37
CA ASN C 107 2.84 -15.40 19.91
C ASN C 107 2.58 -16.92 19.89
N PHE C 108 1.38 -17.29 19.43
CA PHE C 108 0.86 -18.65 19.63
C PHE C 108 1.71 -19.71 18.94
N ASP C 109 2.25 -19.41 17.75
CA ASP C 109 3.05 -20.39 17.04
C ASP C 109 4.56 -20.11 17.15
N ALA C 110 4.96 -19.21 18.05
CA ALA C 110 6.37 -18.87 18.34
C ALA C 110 7.11 -18.24 17.15
N SER C 111 6.38 -17.77 16.12
CA SER C 111 7.00 -17.13 14.96
C SER C 111 7.40 -15.68 15.23
N LEU C 112 6.73 -14.99 16.15
CA LEU C 112 6.95 -13.58 16.39
C LEU C 112 7.29 -13.36 17.86
N GLN C 113 8.20 -12.43 18.12
CA GLN C 113 8.61 -12.10 19.49
C GLN C 113 8.39 -10.62 19.70
N PHE C 114 7.52 -10.27 20.65
CA PHE C 114 7.07 -8.90 20.84
C PHE C 114 7.84 -8.23 21.96
N LEU C 115 8.50 -7.10 21.65
CA LEU C 115 9.19 -6.28 22.65
C LEU C 115 8.17 -5.36 23.32
N ALA C 116 8.03 -5.48 24.64
CA ALA C 116 6.93 -4.84 25.37
C ALA C 116 7.42 -4.28 26.70
N VAL C 117 6.55 -3.46 27.30
CA VAL C 117 6.72 -2.97 28.67
C VAL C 117 5.40 -3.17 29.40
N GLY C 118 5.46 -3.64 30.63
CA GLY C 118 4.23 -3.88 31.38
C GLY C 118 3.57 -2.58 31.83
N LEU C 119 2.27 -2.66 32.06
CA LEU C 119 1.53 -1.50 32.53
C LEU C 119 1.89 -1.20 33.99
N SER C 120 1.89 0.09 34.31
CA SER C 120 2.14 0.53 35.69
C SER C 120 1.06 0.01 36.63
N GLU C 121 1.40 -0.02 37.93
CA GLU C 121 0.47 -0.58 38.91
C GLU C 121 -0.87 0.14 38.94
N PRO C 122 -0.93 1.48 38.99
CA PRO C 122 -2.26 2.11 38.97
C PRO C 122 -3.03 1.83 37.69
N ALA C 123 -2.34 1.75 36.55
CA ALA C 123 -3.04 1.43 35.31
C ALA C 123 -3.63 0.02 35.37
N ARG C 124 -2.87 -0.94 35.88
CA ARG C 124 -3.45 -2.27 36.06
C ARG C 124 -4.58 -2.24 37.07
N GLY C 125 -4.42 -1.46 38.14
CA GLY C 125 -5.47 -1.40 39.15
C GLY C 125 -6.79 -0.86 38.59
N ARG C 126 -6.71 0.18 37.75
CA ARG C 126 -7.93 0.71 37.16
C ARG C 126 -8.58 -0.28 36.21
N LEU C 127 -7.79 -1.15 35.59
CA LEU C 127 -8.37 -2.08 34.63
C LEU C 127 -8.84 -3.36 35.29
N LYS C 128 -8.52 -3.56 36.56
CA LYS C 128 -8.94 -4.78 37.25
C LYS C 128 -10.43 -5.07 37.14
N PRO C 129 -11.34 -4.10 37.34
CA PRO C 129 -12.78 -4.42 37.16
C PRO C 129 -13.13 -4.85 35.74
N VAL C 130 -12.54 -4.21 34.73
CA VAL C 130 -12.80 -4.57 33.34
C VAL C 130 -12.37 -6.00 33.07
N LEU C 131 -11.20 -6.39 33.56
CA LEU C 131 -10.76 -7.77 33.37
C LEU C 131 -11.69 -8.75 34.06
N SER C 132 -12.32 -8.35 35.17
CA SER C 132 -13.26 -9.24 35.85
C SER C 132 -14.55 -9.42 35.06
N ILE C 133 -15.00 -8.35 34.40
CA ILE C 133 -16.18 -8.45 33.54
C ILE C 133 -15.89 -9.38 32.37
N VAL C 134 -14.74 -9.23 31.73
CA VAL C 134 -14.36 -10.14 30.65
C VAL C 134 -14.30 -11.57 31.17
N GLU C 135 -13.71 -11.76 32.35
CA GLU C 135 -13.58 -13.09 32.92
C GLU C 135 -14.95 -13.72 33.17
N LYS C 136 -15.95 -12.92 33.53
CA LYS C 136 -17.27 -13.46 33.82
C LYS C 136 -17.99 -13.92 32.56
N TYR C 137 -17.72 -13.28 31.41
CA TYR C 137 -18.47 -13.54 30.20
C TYR C 137 -17.66 -14.20 29.10
N LYS C 138 -16.36 -14.44 29.31
CA LYS C 138 -15.58 -15.06 28.25
C LYS C 138 -15.91 -16.55 28.16
N PRO C 139 -15.78 -17.15 26.96
CA PRO C 139 -16.09 -18.58 26.80
C PRO C 139 -15.17 -19.49 27.61
N ARG C 140 -15.74 -20.62 28.03
CA ARG C 140 -14.97 -21.67 28.69
C ARG C 140 -14.29 -22.60 27.68
N SER C 141 -14.71 -22.56 26.42
CA SER C 141 -14.13 -23.37 25.36
C SER C 141 -13.04 -22.68 24.56
N PRO C 147 -4.36 -16.38 28.01
CA PRO C 147 -5.35 -15.57 28.73
C PRO C 147 -4.76 -14.25 29.19
N VAL C 148 -5.54 -13.19 29.17
CA VAL C 148 -5.09 -11.87 29.60
C VAL C 148 -5.56 -11.65 31.02
N GLY C 149 -4.60 -11.50 31.93
CA GLY C 149 -4.90 -11.16 33.30
C GLY C 149 -4.12 -9.92 33.73
N LEU C 150 -4.31 -9.56 35.00
CA LEU C 150 -3.57 -8.45 35.56
C LEU C 150 -2.07 -8.67 35.46
N ASN C 151 -1.62 -9.92 35.51
CA ASN C 151 -0.19 -10.19 35.60
C ASN C 151 0.55 -10.00 34.27
N ASN C 152 -0.16 -9.84 33.14
CA ASN C 152 0.51 -9.72 31.86
C ASN C 152 0.02 -8.52 31.03
N LEU C 153 -0.69 -7.57 31.65
CA LEU C 153 -1.05 -6.34 30.94
C LEU C 153 0.21 -5.61 30.47
N HIS C 154 0.23 -5.20 29.21
CA HIS C 154 1.42 -4.64 28.60
C HIS C 154 1.04 -3.90 27.34
N VAL C 155 2.00 -3.12 26.84
CA VAL C 155 1.98 -2.54 25.51
C VAL C 155 3.17 -3.10 24.74
N SER C 156 2.93 -3.63 23.55
CA SER C 156 4.00 -4.05 22.66
C SER C 156 4.44 -2.89 21.80
N PHE C 157 5.76 -2.73 21.66
CA PHE C 157 6.33 -1.64 20.88
C PHE C 157 7.05 -2.08 19.61
N GLY C 158 7.54 -3.31 19.55
CA GLY C 158 8.13 -3.84 18.34
C GLY C 158 7.93 -5.33 18.28
N VAL C 159 8.17 -5.90 17.10
CA VAL C 159 7.99 -7.33 16.89
C VAL C 159 9.13 -7.80 16.00
N ALA C 160 9.76 -8.90 16.41
CA ALA C 160 10.86 -9.51 15.67
C ALA C 160 10.45 -10.91 15.23
N GLN C 161 11.04 -11.38 14.14
CA GLN C 161 10.88 -12.76 13.75
C GLN C 161 11.72 -13.64 14.66
N ASN C 162 11.19 -14.81 15.00
CA ASN C 162 11.95 -15.80 15.75
C ASN C 162 12.79 -16.57 14.76
N ALA C 163 14.09 -16.30 14.73
CA ALA C 163 14.95 -16.99 13.75
C ALA C 163 15.06 -18.48 14.03
N TYR C 164 14.75 -18.94 15.25
CA TYR C 164 14.92 -20.33 15.65
C TYR C 164 13.61 -21.09 15.68
N LEU C 165 12.59 -20.58 14.97
CA LEU C 165 11.25 -21.14 14.99
C LEU C 165 11.25 -22.63 14.66
N GLN C 166 12.08 -23.06 13.73
CA GLN C 166 12.07 -24.43 13.25
C GLN C 166 13.19 -25.28 13.84
N GLN C 167 13.83 -24.80 14.90
CA GLN C 167 14.81 -25.58 15.66
C GLN C 167 14.11 -26.30 16.81
N ASP C 168 14.90 -27.05 17.57
CA ASP C 168 14.40 -27.69 18.78
C ASP C 168 13.80 -26.66 19.72
N GLU C 169 12.70 -27.03 20.38
CA GLU C 169 12.02 -26.08 21.28
C GLU C 169 12.97 -25.56 22.34
N SER C 170 13.89 -26.40 22.81
CA SER C 170 14.86 -25.94 23.80
C SER C 170 15.83 -24.94 23.20
N VAL C 171 16.23 -25.12 21.94
CA VAL C 171 17.12 -24.15 21.31
C VAL C 171 16.40 -22.81 21.16
N SER C 172 15.15 -22.82 20.70
CA SER C 172 14.43 -21.58 20.48
C SER C 172 14.18 -20.86 21.79
N ARG C 173 13.87 -21.61 22.84
CA ARG C 173 13.64 -21.03 24.16
C ARG C 173 14.91 -20.44 24.75
N GLN C 174 16.05 -21.11 24.54
CA GLN C 174 17.32 -20.57 25.01
C GLN C 174 17.66 -19.26 24.33
N ARG C 175 17.46 -19.18 23.01
CA ARG C 175 17.74 -17.94 22.29
C ARG C 175 16.76 -16.83 22.70
N LEU C 176 15.51 -17.19 22.98
CA LEU C 176 14.56 -16.19 23.45
C LEU C 176 14.96 -15.68 24.82
N ASP C 177 15.43 -16.56 25.69
CA ASP C 177 15.85 -16.14 27.02
C ASP C 177 17.09 -15.27 26.96
N SER C 178 18.04 -15.59 26.06
CA SER C 178 19.22 -14.74 25.96
C SER C 178 18.87 -13.42 25.32
N LEU C 179 17.89 -13.40 24.41
CA LEU C 179 17.40 -12.13 23.88
C LEU C 179 16.79 -11.28 24.98
N ARG C 180 15.93 -11.88 25.82
CA ARG C 180 15.36 -11.13 26.93
C ARG C 180 16.46 -10.47 27.76
N ASN C 181 17.52 -11.23 28.07
CA ASN C 181 18.61 -10.70 28.88
C ASN C 181 19.45 -9.68 28.11
N LEU C 182 19.54 -9.83 26.79
CA LEU C 182 20.33 -8.87 26.02
C LEU C 182 19.65 -7.50 26.00
N VAL C 183 18.36 -7.43 25.68
CA VAL C 183 17.72 -6.11 25.60
C VAL C 183 17.68 -5.48 26.98
N ALA C 184 17.52 -6.28 28.04
CA ALA C 184 17.49 -5.77 29.40
C ALA C 184 18.86 -5.24 29.83
N THR C 185 19.93 -5.99 29.57
CA THR C 185 21.23 -5.54 30.06
C THR C 185 21.84 -4.45 29.16
N GLU C 186 21.58 -4.45 27.85
CA GLU C 186 22.28 -3.55 26.95
C GLU C 186 21.41 -2.48 26.27
N ALA C 187 20.09 -2.61 26.29
CA ALA C 187 19.24 -1.71 25.53
C ALA C 187 18.14 -1.08 26.40
N SER C 188 18.43 -0.91 27.68
CA SER C 188 17.46 -0.37 28.62
C SER C 188 17.65 1.13 28.85
N ASP C 189 18.67 1.74 28.23
CA ASP C 189 19.09 3.07 28.65
C ASP C 189 18.10 4.19 28.29
N ARG C 190 17.17 3.97 27.36
CA ARG C 190 16.16 4.99 27.06
C ARG C 190 14.80 4.67 27.65
N LEU C 191 14.69 3.67 28.52
CA LEU C 191 13.40 3.34 29.09
C LEU C 191 12.85 4.45 30.01
N PRO C 192 13.67 5.20 30.76
CA PRO C 192 13.10 6.34 31.50
C PRO C 192 12.41 7.33 30.58
N LEU C 193 13.02 7.61 29.43
CA LEU C 193 12.38 8.50 28.47
C LEU C 193 11.06 7.92 27.99
N LEU C 194 11.03 6.62 27.70
CA LEU C 194 9.80 6.00 27.23
C LEU C 194 8.73 6.05 28.31
N ARG C 195 9.07 5.64 29.53
CA ARG C 195 8.08 5.58 30.59
C ARG C 195 7.55 6.96 30.95
N ALA C 196 8.40 8.00 30.88
CA ALA C 196 7.93 9.32 31.26
C ALA C 196 6.95 9.89 30.23
N ASN C 197 7.08 9.47 28.96
CA ASN C 197 6.35 10.10 27.86
C ASN C 197 5.27 9.26 27.23
N LEU C 198 5.40 7.92 27.26
CA LEU C 198 4.38 7.08 26.63
C LEU C 198 3.26 6.82 27.65
N GLN C 199 2.46 7.86 27.85
CA GLN C 199 1.33 7.83 28.78
C GLN C 199 0.08 8.32 28.07
N PHE C 200 -1.05 7.70 28.40
CA PHE C 200 -2.31 7.94 27.69
C PHE C 200 -3.47 7.97 28.68
N ARG C 201 -4.54 8.67 28.29
CA ARG C 201 -5.82 8.58 28.98
C ARG C 201 -6.84 8.20 27.93
N CYS C 202 -7.48 7.05 28.12
CA CYS C 202 -8.44 6.50 27.17
C CYS C 202 -9.85 6.69 27.71
N HIS C 203 -10.75 7.19 26.86
CA HIS C 203 -12.12 7.44 27.27
C HIS C 203 -13.09 6.39 26.75
N GLU C 204 -12.57 5.36 26.09
CA GLU C 204 -13.41 4.30 25.57
C GLU C 204 -12.54 3.06 25.40
N LEU C 205 -13.17 1.91 25.39
CA LEU C 205 -12.53 0.68 24.97
C LEU C 205 -12.92 0.42 23.53
N LYS C 206 -12.22 -0.52 22.90
CA LYS C 206 -12.58 -0.98 21.57
C LYS C 206 -12.74 -2.48 21.62
N ALA C 207 -13.56 -3.01 20.71
CA ALA C 207 -13.77 -4.45 20.63
C ALA C 207 -13.76 -4.86 19.17
N LYS C 208 -13.02 -5.93 18.88
CA LYS C 208 -13.19 -6.64 17.61
C LYS C 208 -14.33 -7.63 17.75
N VAL C 209 -15.35 -7.49 16.92
CA VAL C 209 -16.52 -8.37 16.93
C VAL C 209 -16.56 -9.02 15.55
N GLY C 210 -16.00 -10.22 15.45
CA GLY C 210 -15.87 -10.82 14.13
C GLY C 210 -14.96 -9.96 13.27
N THR C 211 -15.52 -9.46 12.17
CA THR C 211 -14.77 -8.60 11.24
C THR C 211 -14.93 -7.11 11.55
N SER C 212 -15.77 -6.76 12.52
CA SER C 212 -16.03 -5.35 12.81
C SER C 212 -15.28 -4.91 14.06
N VAL C 213 -15.08 -3.60 14.17
CA VAL C 213 -14.49 -2.98 15.34
C VAL C 213 -15.51 -1.97 15.88
N ILE C 214 -15.87 -2.11 17.15
CA ILE C 214 -16.84 -1.22 17.77
C ILE C 214 -16.19 -0.52 18.97
N THR C 215 -16.81 0.58 19.37
CA THR C 215 -16.32 1.40 20.46
C THR C 215 -17.18 1.12 21.68
N LEU C 216 -16.53 0.94 22.83
CA LEU C 216 -17.24 0.77 24.09
C LEU C 216 -16.93 1.98 24.96
N PRO C 217 -17.81 2.97 25.02
CA PRO C 217 -17.50 4.17 25.80
C PRO C 217 -17.52 3.87 27.29
N LEU C 218 -16.81 4.70 28.04
N LEU C 218 -16.78 4.69 28.04
CA LEU C 218 -16.65 4.50 29.47
CA LEU C 218 -16.68 4.54 29.48
C LEU C 218 -17.64 5.34 30.28
C LEU C 218 -17.58 5.55 30.18
C1 GOL D . 9.95 -1.71 -0.09
O1 GOL D . 11.08 -2.49 -0.45
C2 GOL D . 10.35 -0.32 0.39
O2 GOL D . 11.34 -0.48 1.41
C3 GOL D . 9.22 0.52 0.92
O3 GOL D . 8.26 0.84 -0.09
N1 U5P E . 10.85 6.62 -14.94
C2 U5P E . 10.60 7.94 -15.41
N3 U5P E . 11.35 8.45 -16.39
C4 U5P E . 12.34 7.74 -16.94
C5 U5P E . 12.59 6.44 -16.50
C6 U5P E . 11.82 5.88 -15.49
O2 U5P E . 9.69 8.67 -14.93
O4 U5P E . 13.01 8.26 -17.84
C1' U5P E . 10.01 6.05 -13.87
C2' U5P E . 9.56 4.63 -14.14
O2' U5P E . 8.41 4.63 -14.95
C3' U5P E . 9.33 4.08 -12.74
C4' U5P E . 10.26 4.92 -11.85
O3' U5P E . 7.98 4.31 -12.37
O4' U5P E . 10.76 5.99 -12.67
C5' U5P E . 11.43 4.16 -11.25
O5' U5P E . 11.88 3.11 -12.10
P U5P E . 12.99 2.07 -11.61
O1P U5P E . 13.62 1.60 -12.89
O2P U5P E . 13.93 2.85 -10.70
O3P U5P E . 12.19 0.98 -10.95
C1 PGE F . 10.77 -7.99 -8.11
O1 PGE F . 10.12 -8.64 -7.04
C2 PGE F . 11.86 -7.11 -7.63
O2 PGE F . 12.40 -6.39 -8.73
C3 PGE F . 11.43 -5.60 -9.38
C4 PGE F . 12.09 -4.48 -10.09
O4 PGE F . 8.08 -3.51 -12.49
C6 PGE F . 9.00 -3.05 -11.53
C5 PGE F . 10.02 -4.08 -11.19
O3 PGE F . 11.08 -3.53 -10.43
C1 PGE G . -4.25 11.80 -11.42
O1 PGE G . -3.55 13.03 -11.38
C2 PGE G . -4.71 11.32 -10.06
O2 PGE G . -5.71 12.18 -9.51
C3 PGE G . -6.51 11.56 -8.52
C4 PGE G . -7.40 12.56 -7.83
O4 PGE G . -8.22 16.78 -9.69
C6 PGE G . -8.79 15.48 -9.61
C5 PGE G . -8.25 14.69 -8.46
O3 PGE G . -8.15 13.30 -8.78
C1 PGE H . 36.57 1.47 -5.47
O1 PGE H . 36.80 0.18 -6.01
C2 PGE H . 36.86 2.56 -6.45
O2 PGE H . 36.38 3.80 -5.97
C3 PGE H . 36.14 4.74 -7.01
C4 PGE H . 35.44 5.95 -6.49
O4 PGE H . 32.09 6.10 -9.89
C6 PGE H . 33.35 6.59 -9.43
C5 PGE H . 33.62 6.22 -8.00
O3 PGE H . 34.89 6.70 -7.57
N1 U5P I . -14.18 11.91 -11.89
C2 U5P I . -13.39 13.04 -11.57
N3 U5P I . -12.22 13.22 -12.17
C4 U5P I . -11.79 12.35 -13.08
C5 U5P I . -12.56 11.24 -13.45
C6 U5P I . -13.78 11.04 -12.82
O2 U5P I . -13.76 13.86 -10.71
O4 U5P I . -10.68 12.54 -13.63
C1' U5P I . -15.49 11.72 -11.24
C2' U5P I . -16.58 11.28 -12.19
O2' U5P I . -17.12 12.38 -12.87
C3' U5P I . -17.55 10.55 -11.26
C4' U5P I . -16.66 10.05 -10.12
O3' U5P I . -18.53 11.47 -10.75
O4' U5P I . -15.38 10.69 -10.29
C5' U5P I . -16.47 8.56 -10.12
O5' U5P I . -16.50 8.08 -11.45
P U5P I . -16.65 6.53 -11.78
O1P U5P I . -18.14 6.29 -11.83
O2P U5P I . -15.95 5.90 -10.60
O3P U5P I . -15.98 6.40 -13.13
C1 PGE J . -12.25 -12.73 -11.10
O1 PGE J . -12.60 -13.49 -9.95
C2 PGE J . -13.43 -12.45 -11.98
O2 PGE J . -12.99 -12.04 -13.27
C3 PGE J . -14.07 -11.79 -14.15
C4 PGE J . -14.87 -10.63 -13.65
O4 PGE J . -15.79 -7.99 -16.98
C6 PGE J . -15.47 -9.14 -16.22
C5 PGE J . -16.27 -9.23 -14.97
O3 PGE J . -16.09 -10.52 -14.38
C1 EDO K . -20.89 19.24 8.95
O1 EDO K . -19.85 18.52 9.59
C2 EDO K . -20.60 20.69 8.79
O2 EDO K . -21.71 21.41 8.28
C1 EDO L . -22.94 2.28 -13.86
O1 EDO L . -23.55 1.10 -14.34
C2 EDO L . -22.29 3.07 -14.92
O2 EDO L . -21.84 4.34 -14.48
C1 EDO M . -8.36 11.86 16.64
O1 EDO M . -9.73 11.70 16.92
C2 EDO M . -8.02 13.15 16.00
O2 EDO M . -6.64 13.33 15.77
C1 PG6 N . -21.61 25.54 -1.92
O1 PG6 N . -22.81 26.13 -2.42
C2 PG6 N . -22.76 26.70 -3.74
C3 PG6 N . -23.11 25.74 -4.82
O2 PG6 N . -22.41 24.51 -4.62
C4 PG6 N . -23.25 23.37 -4.65
C5 PG6 N . -23.96 23.19 -3.34
O3 PG6 N . -24.89 24.25 -3.14
C6 PG6 N . -25.58 24.19 -1.89
C7 PG6 N . -26.21 25.52 -1.60
O4 PG6 N . -25.17 26.46 -1.37
C8 PG6 N . -25.62 27.82 -1.36
C9 PG6 N . -24.59 28.67 -0.69
O5 PG6 N . -23.37 28.70 -1.44
C10 PG6 N . -22.22 28.88 -0.62
C11 PG6 N . -21.06 29.37 -1.42
O6 PG6 N . -20.86 28.65 -2.62
C12 PG6 N . -19.50 28.46 -2.96
C1 GOL O . 3.61 13.03 26.64
O1 GOL O . 3.33 13.47 25.31
C2 GOL O . 2.41 13.22 27.56
O2 GOL O . 1.25 12.63 26.98
C3 GOL O . 2.63 12.69 28.95
O3 GOL O . 3.73 13.33 29.60
N1 U5P P . 1.10 -13.12 24.87
C2 U5P P . 1.68 -14.21 25.56
N3 U5P P . 1.60 -14.28 26.89
C4 U5P P . 0.98 -13.33 27.57
C5 U5P P . 0.41 -12.24 26.93
C6 U5P P . 0.48 -12.16 25.54
O2 U5P P . 2.25 -15.14 24.95
O4 U5P P . 0.93 -13.43 28.82
C1' U5P P . 1.17 -13.04 23.40
C2' U5P P . -0.16 -12.72 22.74
O2' U5P P . -0.91 -13.90 22.52
C3' U5P P . 0.28 -12.02 21.45
C4' U5P P . 1.62 -11.37 21.83
O3' U5P P . 0.49 -12.99 20.42
O4' U5P P . 2.05 -11.98 23.07
C5' U5P P . 1.52 -9.89 22.03
O5' U5P P . 0.21 -9.56 22.47
P U5P P . -0.32 -8.07 22.40
O1P U5P P . -1.00 -7.98 21.05
O2P U5P P . -1.26 -8.10 23.59
O3P U5P P . 0.89 -7.20 22.58
C1 PGE Q . -5.94 -9.75 18.16
O1 PGE Q . -6.59 -9.80 16.90
C2 PGE Q . -4.90 -8.68 18.22
O2 PGE Q . -5.48 -7.39 18.07
C3 PGE Q . -4.54 -6.34 18.26
C4 PGE Q . -5.20 -5.02 18.18
O4 PGE Q . -6.81 -3.14 14.38
C6 PGE Q . -7.39 -3.67 15.56
C5 PGE Q . -6.46 -3.61 16.75
O3 PGE Q . -5.77 -4.85 16.88
C1 EDO R . -8.92 -11.41 35.47
O1 EDO R . -8.34 -12.61 34.99
C2 EDO R . -8.80 -11.26 36.93
O2 EDO R . -9.35 -10.05 37.43
C1 EDO S . 19.20 -20.48 13.27
O1 EDO S . 19.27 -19.15 12.80
C2 EDO S . 19.39 -21.46 12.18
O2 EDO S . 19.48 -22.79 12.65
C1 EDO T . -1.21 14.99 17.68
O1 EDO T . -2.05 14.13 16.92
C2 EDO T . 0.19 15.08 17.16
O2 EDO T . 1.02 15.96 17.90
O1 PG4 U . 10.35 -26.53 15.73
C1 PG4 U . 9.53 -27.69 15.72
C2 PG4 U . 10.30 -28.95 15.45
O2 PG4 U . 11.01 -28.86 14.22
C3 PG4 U . 10.37 -29.50 13.12
C4 PG4 U . 9.25 -28.67 12.58
O3 PG4 U . 9.73 -27.38 12.19
C5 PG4 U . 8.74 -26.58 11.56
C6 PG4 U . 7.67 -26.21 12.55
O4 PG4 U . 8.05 -25.04 13.27
C7 PG4 U . 7.09 -24.61 14.23
C8 PG4 U . 7.06 -25.57 15.39
O5 PG4 U . 6.48 -25.00 16.55
C1 PG6 V . 15.83 11.22 10.11
O1 PG6 V . 16.35 12.32 10.83
C2 PG6 V . 17.62 12.10 11.46
C3 PG6 V . 17.55 11.40 12.79
O2 PG6 V . 17.39 12.36 13.85
C4 PG6 V . 17.44 11.76 15.15
C5 PG6 V . 17.59 12.82 16.22
O3 PG6 V . 16.32 13.22 16.72
C6 PG6 V . 16.40 14.15 17.81
C7 PG6 V . 15.02 14.54 18.29
O4 PG6 V . 14.49 13.58 19.21
C8 PG6 V . 13.17 13.90 19.65
C9 PG6 V . 12.87 13.27 20.99
O5 PG6 V . 13.94 13.56 21.89
C10 PG6 V . 13.62 13.37 23.26
C11 PG6 V . 12.68 14.43 23.72
O6 PG6 V . 12.53 14.41 25.14
C12 PG6 V . 11.64 15.41 25.63
#